data_2BY2
#
_entry.id   2BY2
#
_cell.length_a   59.418
_cell.length_b   66.529
_cell.length_c   152.522
_cell.angle_alpha   90.00
_cell.angle_beta   90.00
_cell.angle_gamma   90.00
#
_symmetry.space_group_name_H-M   'P 21 21 21'
#
loop_
_entity.id
_entity.type
_entity.pdbx_description
1 polymer 'MALTOOLIGOSYLTREHALOSE TREHALOHYDROLASE'
2 branched alpha-D-glucopyranose-(1-1)-alpha-D-glucopyranose
3 non-polymer 2-AMINO-2-HYDROXYMETHYL-PROPANE-1,3-DIOL
4 non-polymer alpha-D-glucopyranose
5 non-polymer BETA-MERCAPTOETHANOL
6 non-polymer 'MAGNESIUM ION'
7 water water
#
_entity_poly.entity_id   1
_entity_poly.type   'polypeptide(L)'
_entity_poly.pdbx_seq_one_letter_code
;(MSE)TQTQPVTPTPPASFQTQHDPRTRLGATPLPGGAGTRFRLWTSTARTVAVRVNGTEHV(MSE)TSLGGGIYELELP
VGPGARYLFVLDGVPTPDPYARFLPDGVHGEAEVVDFGTFDWTDADWHGIKLADCVFYEVHVGTFTPEGTYRAAAEKLPY
LKELGVTAIQV(MSE)PLAAFDGQRGWGYDGAAFYAPYAPYGRPEDL(MSE)ALVDAAHRLGLGVFLDVVYNHFGPSGNY
LSSYAPSYFTDRFSSAWG(MSE)GLDYAEPH(MSE)RRYVTGNAR(MSE)WLRDYHFDGLRLDATPY(MSE)TDDSETHI
LTELAQEIHELGGTHLLLAEDHRNLPDLVTVNHLDGIWTDDFHHETRVTLTGEQEGYYAGYRGGAEALAYTIRRGWRYEG
QFWAVKGEEHERGHPSDALEAPNFVYCIQNHDQIGNRPLGERLHQSDGVTLHEYRGAAALLLTLP(MSE)TPLLFQGQEW
AASTPFQFFSDHAGELGQAVSEGRKKEFGGFSGFSGEDVPDPQAEQTFLNSKLNWAEREGGEHARTLRLYRDLLRLRRED
PVLHNRQRENLTTGHDGDVLWVRTVTGAGERVLLWNLGQDTRAVAEVKLPFTVPRRLLLHTEGREDLTLGAGEAVLVG
;
_entity_poly.pdbx_strand_id   A
#
loop_
_chem_comp.id
_chem_comp.type
_chem_comp.name
_chem_comp.formula
BME non-polymer BETA-MERCAPTOETHANOL 'C2 H6 O S'
GLC D-saccharide, alpha linking alpha-D-glucopyranose 'C6 H12 O6'
MG non-polymer 'MAGNESIUM ION' 'Mg 2'
TRS non-polymer 2-AMINO-2-HYDROXYMETHYL-PROPANE-1,3-DIOL 'C4 H12 N O3 1'
#
# COMPACT_ATOMS: atom_id res chain seq x y z
N SER A 14 0.25 -29.20 -8.98
CA SER A 14 1.64 -29.67 -9.11
C SER A 14 2.67 -28.51 -9.17
N PHE A 15 2.26 -27.29 -8.83
CA PHE A 15 3.26 -26.27 -8.50
C PHE A 15 3.90 -26.71 -7.20
N GLN A 16 5.23 -26.69 -7.18
CA GLN A 16 5.96 -27.00 -5.94
C GLN A 16 6.73 -25.75 -5.53
N THR A 17 6.55 -25.31 -4.29
CA THR A 17 7.36 -24.19 -3.80
C THR A 17 8.87 -24.45 -4.00
N GLN A 18 9.63 -23.40 -4.30
CA GLN A 18 11.07 -23.52 -4.42
C GLN A 18 11.71 -23.38 -3.06
N HIS A 19 10.91 -23.20 -2.02
CA HIS A 19 11.47 -22.97 -0.68
C HIS A 19 11.33 -24.14 0.28
N ASP A 20 12.44 -24.47 0.92
CA ASP A 20 12.48 -25.58 1.89
C ASP A 20 13.20 -25.00 3.09
N PRO A 21 12.59 -25.03 4.27
CA PRO A 21 13.23 -24.42 5.45
C PRO A 21 14.63 -24.97 5.72
N ARG A 22 14.88 -26.21 5.27
N ARG A 22 14.92 -26.19 5.30
N ARG A 22 14.92 -26.20 5.31
CA ARG A 22 16.18 -26.91 5.42
CA ARG A 22 16.22 -26.78 5.61
CA ARG A 22 16.23 -26.79 5.60
C ARG A 22 17.29 -26.13 4.74
C ARG A 22 17.33 -26.25 4.67
C ARG A 22 17.33 -26.25 4.68
N THR A 23 16.94 -25.53 3.62
CA THR A 23 17.93 -24.84 2.76
C THR A 23 17.74 -23.31 2.73
N ARG A 24 17.01 -22.77 3.71
CA ARG A 24 16.70 -21.36 3.73
C ARG A 24 17.97 -20.52 3.88
N LEU A 25 18.13 -19.52 3.03
CA LEU A 25 19.30 -18.62 3.20
C LEU A 25 19.10 -17.73 4.41
N GLY A 26 20.22 -17.33 5.04
CA GLY A 26 20.20 -16.51 6.28
C GLY A 26 20.47 -17.38 7.50
N ALA A 27 19.82 -17.06 8.62
CA ALA A 27 20.09 -17.77 9.88
C ALA A 27 18.76 -18.33 10.34
N THR A 28 18.68 -19.66 10.48
CA THR A 28 17.41 -20.31 10.82
C THR A 28 17.63 -21.22 12.02
N PRO A 29 16.88 -21.03 13.10
CA PRO A 29 17.00 -21.97 14.25
C PRO A 29 16.79 -23.43 13.83
N LEU A 30 17.58 -24.31 14.44
CA LEU A 30 17.56 -25.74 14.19
C LEU A 30 16.61 -26.36 15.17
N PRO A 31 16.02 -27.49 14.79
CA PRO A 31 15.17 -28.23 15.72
C PRO A 31 16.00 -28.82 16.87
N GLY A 32 15.28 -29.21 17.92
CA GLY A 32 15.87 -29.93 19.06
C GLY A 32 16.84 -29.05 19.82
N GLY A 33 16.71 -27.73 19.72
CA GLY A 33 17.60 -26.82 20.47
C GLY A 33 19.06 -26.94 20.02
N ALA A 34 19.30 -27.42 18.80
CA ALA A 34 20.65 -27.61 18.30
C ALA A 34 21.38 -26.34 17.88
N GLY A 35 20.68 -25.20 17.77
CA GLY A 35 21.32 -23.94 17.48
C GLY A 35 20.73 -23.27 16.26
N THR A 36 21.62 -22.88 15.35
CA THR A 36 21.24 -22.09 14.17
C THR A 36 22.00 -22.62 12.97
N ARG A 37 21.30 -22.70 11.83
CA ARG A 37 21.96 -23.02 10.59
C ARG A 37 22.09 -21.70 9.81
N PHE A 38 23.32 -21.39 9.41
CA PHE A 38 23.65 -20.21 8.64
C PHE A 38 23.88 -20.66 7.21
N ARG A 39 23.29 -19.96 6.22
CA ARG A 39 23.52 -20.30 4.81
C ARG A 39 23.61 -19.03 4.02
N LEU A 40 24.42 -19.09 2.97
CA LEU A 40 24.51 -17.94 2.03
C LEU A 40 24.84 -18.47 0.66
N TRP A 41 24.56 -17.63 -0.35
CA TRP A 41 25.01 -17.91 -1.71
C TRP A 41 25.99 -16.81 -2.13
N THR A 42 27.15 -17.19 -2.68
CA THR A 42 28.06 -16.20 -3.27
C THR A 42 28.66 -16.74 -4.54
N SER A 43 28.73 -15.89 -5.55
CA SER A 43 29.28 -16.34 -6.84
C SER A 43 30.74 -15.94 -6.96
N THR A 44 31.24 -15.10 -6.05
CA THR A 44 32.61 -14.55 -6.18
C THR A 44 33.56 -14.67 -5.00
N ALA A 45 33.07 -14.91 -3.78
CA ALA A 45 33.98 -14.91 -2.64
C ALA A 45 34.90 -16.12 -2.67
N ARG A 46 36.13 -15.91 -2.23
CA ARG A 46 37.14 -16.97 -2.14
C ARG A 46 37.24 -17.54 -0.71
N THR A 47 37.03 -16.69 0.29
CA THR A 47 36.96 -17.17 1.68
C THR A 47 35.61 -16.71 2.25
N VAL A 48 35.00 -17.60 3.02
CA VAL A 48 33.67 -17.32 3.53
C VAL A 48 33.57 -17.77 4.98
N ALA A 49 33.16 -16.86 5.86
CA ALA A 49 33.00 -17.16 7.27
C ALA A 49 31.78 -16.48 7.84
N VAL A 50 31.32 -16.97 8.99
CA VAL A 50 30.29 -16.27 9.71
C VAL A 50 30.88 -15.77 11.01
N ARG A 51 30.57 -14.54 11.39
CA ARG A 51 31.10 -14.02 12.62
C ARG A 51 29.89 -13.91 13.55
N VAL A 52 29.89 -14.75 14.61
CA VAL A 52 28.76 -14.87 15.51
C VAL A 52 29.21 -14.41 16.90
N ASN A 53 28.49 -13.43 17.45
CA ASN A 53 28.84 -12.89 18.79
C ASN A 53 30.34 -12.55 18.84
N GLY A 54 30.86 -12.02 17.75
CA GLY A 54 32.27 -11.58 17.68
C GLY A 54 33.29 -12.61 17.25
N THR A 55 32.90 -13.89 17.14
CA THR A 55 33.84 -15.00 16.80
C THR A 55 33.64 -15.47 15.36
N GLU A 56 34.74 -15.58 14.62
N GLU A 56 34.73 -15.52 14.57
CA GLU A 56 34.70 -16.00 13.24
CA GLU A 56 34.66 -15.95 13.17
C GLU A 56 34.72 -17.52 13.15
C GLU A 56 34.80 -17.47 13.05
N HIS A 57 33.91 -18.06 12.24
CA HIS A 57 33.90 -19.50 11.95
C HIS A 57 33.85 -19.70 10.43
N VAL A 58 34.77 -20.46 9.87
CA VAL A 58 34.76 -20.73 8.43
C VAL A 58 33.57 -21.58 8.08
N MSE A 59 32.91 -21.22 6.96
CA MSE A 59 31.74 -21.97 6.53
C MSE A 59 32.09 -23.06 5.53
O MSE A 59 33.15 -23.00 4.90
CB MSE A 59 30.69 -21.00 5.95
CG MSE A 59 30.21 -20.06 7.03
SE MSE A 59 28.96 -18.72 6.29
CE MSE A 59 27.40 -19.88 5.96
N THR A 60 31.21 -24.03 5.41
CA THR A 60 31.44 -25.17 4.53
C THR A 60 30.93 -24.88 3.11
N SER A 61 31.77 -25.15 2.12
CA SER A 61 31.37 -24.97 0.73
C SER A 61 30.62 -26.20 0.24
N LEU A 62 29.39 -26.02 -0.22
CA LEU A 62 28.55 -27.15 -0.66
C LEU A 62 28.49 -27.32 -2.17
N GLY A 63 28.99 -26.31 -2.91
CA GLY A 63 28.87 -26.30 -4.36
C GLY A 63 27.78 -25.35 -4.77
N GLY A 64 27.89 -24.85 -6.01
CA GLY A 64 26.94 -23.87 -6.49
C GLY A 64 27.00 -22.54 -5.79
N GLY A 65 28.14 -22.30 -5.17
CA GLY A 65 28.26 -21.08 -4.38
C GLY A 65 27.53 -21.07 -3.05
N ILE A 66 27.02 -22.23 -2.63
CA ILE A 66 26.27 -22.30 -1.39
C ILE A 66 27.26 -22.59 -0.28
N TYR A 67 27.14 -21.85 0.84
CA TYR A 67 27.97 -22.07 2.02
C TYR A 67 27.04 -22.26 3.23
N GLU A 68 27.44 -23.13 4.14
CA GLU A 68 26.59 -23.45 5.29
C GLU A 68 27.42 -23.70 6.55
N LEU A 69 26.88 -23.37 7.70
CA LEU A 69 27.48 -23.83 8.96
C LEU A 69 26.38 -23.89 10.01
N GLU A 70 26.43 -24.91 10.86
CA GLU A 70 25.53 -25.00 12.01
C GLU A 70 26.32 -24.78 13.28
N LEU A 71 25.79 -23.94 14.14
CA LEU A 71 26.46 -23.71 15.46
C LEU A 71 25.42 -23.72 16.56
N PRO A 72 25.80 -24.10 17.79
CA PRO A 72 24.80 -24.14 18.89
C PRO A 72 24.33 -22.78 19.46
N VAL A 73 24.42 -21.74 18.65
CA VAL A 73 23.87 -20.44 19.10
C VAL A 73 22.37 -20.38 18.80
N GLY A 74 21.62 -19.67 19.65
CA GLY A 74 20.19 -19.60 19.50
C GLY A 74 19.67 -18.24 19.09
N PRO A 75 18.35 -18.12 19.13
CA PRO A 75 17.68 -16.84 18.84
C PRO A 75 18.26 -15.79 19.76
N GLY A 76 18.55 -14.61 19.21
CA GLY A 76 19.21 -13.54 19.95
C GLY A 76 20.68 -13.38 19.60
N ALA A 77 21.30 -14.44 19.08
CA ALA A 77 22.72 -14.34 18.68
C ALA A 77 22.86 -13.27 17.59
N ARG A 78 24.00 -12.59 17.57
CA ARG A 78 24.26 -11.51 16.62
C ARG A 78 25.29 -11.97 15.60
N TYR A 79 25.12 -11.64 14.31
CA TYR A 79 26.07 -12.17 13.33
C TYR A 79 26.08 -11.32 12.07
N LEU A 80 27.15 -11.50 11.33
CA LEU A 80 27.20 -11.09 9.93
C LEU A 80 28.14 -12.07 9.23
N PHE A 81 28.29 -11.88 7.93
CA PHE A 81 29.13 -12.80 7.18
C PHE A 81 30.44 -12.11 6.81
N VAL A 82 31.46 -12.90 6.54
CA VAL A 82 32.77 -12.30 6.24
C VAL A 82 33.17 -12.89 4.89
N LEU A 83 33.25 -12.03 3.88
CA LEU A 83 33.51 -12.41 2.48
C LEU A 83 34.89 -11.85 2.08
N ASP A 84 35.83 -12.76 1.79
CA ASP A 84 37.21 -12.31 1.49
C ASP A 84 37.70 -11.34 2.58
N GLY A 85 37.36 -11.65 3.83
CA GLY A 85 37.81 -10.83 4.95
C GLY A 85 37.00 -9.57 5.25
N VAL A 86 35.96 -9.32 4.47
CA VAL A 86 35.18 -8.10 4.67
C VAL A 86 33.90 -8.44 5.43
N PRO A 87 33.72 -7.92 6.64
CA PRO A 87 32.45 -8.13 7.35
C PRO A 87 31.30 -7.48 6.55
N THR A 88 30.25 -8.26 6.33
CA THR A 88 29.19 -7.88 5.43
C THR A 88 27.84 -8.27 6.03
N PRO A 89 26.90 -7.35 6.19
CA PRO A 89 25.59 -7.72 6.70
C PRO A 89 24.92 -8.82 5.87
N ASP A 90 24.00 -9.52 6.54
CA ASP A 90 23.22 -10.58 5.88
C ASP A 90 22.01 -9.99 5.15
N PRO A 91 21.93 -10.10 3.81
CA PRO A 91 20.73 -9.61 3.10
C PRO A 91 19.44 -10.33 3.52
N TYR A 92 19.59 -11.51 4.13
CA TYR A 92 18.43 -12.31 4.55
C TYR A 92 18.17 -12.10 6.06
N ALA A 93 18.81 -11.09 6.65
CA ALA A 93 18.62 -10.82 8.09
C ALA A 93 17.15 -10.70 8.42
N ARG A 94 16.75 -11.34 9.53
CA ARG A 94 15.37 -11.25 10.05
C ARG A 94 15.19 -10.04 10.99
N PHE A 95 16.29 -9.48 11.51
CA PHE A 95 16.19 -8.26 12.29
C PHE A 95 17.58 -7.65 12.38
N LEU A 96 17.59 -6.31 12.35
CA LEU A 96 18.85 -5.52 12.30
C LEU A 96 18.78 -4.42 13.40
N PRO A 97 19.04 -4.79 14.64
CA PRO A 97 18.83 -3.89 15.77
C PRO A 97 19.67 -2.61 15.70
N ASP A 98 20.82 -2.68 15.01
CA ASP A 98 21.73 -1.53 14.90
C ASP A 98 21.71 -0.94 13.50
N GLY A 99 20.64 -1.27 12.75
CA GLY A 99 20.44 -0.71 11.41
C GLY A 99 21.12 -1.50 10.28
N VAL A 100 21.08 -0.94 9.08
CA VAL A 100 21.36 -1.72 7.89
C VAL A 100 22.84 -2.06 7.71
N HIS A 101 23.73 -1.43 8.48
CA HIS A 101 25.18 -1.73 8.32
C HIS A 101 25.70 -2.58 9.44
N GLY A 102 24.78 -3.02 10.30
CA GLY A 102 25.14 -3.74 11.51
C GLY A 102 24.93 -5.23 11.51
N GLU A 103 25.21 -5.83 12.66
CA GLU A 103 24.98 -7.26 12.81
C GLU A 103 23.49 -7.57 12.80
N ALA A 104 23.14 -8.74 12.26
CA ALA A 104 21.78 -9.22 12.34
C ALA A 104 21.55 -9.97 13.66
N GLU A 105 20.28 -10.18 13.99
CA GLU A 105 19.91 -10.97 15.12
C GLU A 105 19.24 -12.23 14.60
N VAL A 106 19.54 -13.39 15.20
CA VAL A 106 18.86 -14.63 14.84
C VAL A 106 17.47 -14.54 15.46
N VAL A 107 16.43 -14.82 14.64
CA VAL A 107 15.04 -14.74 15.08
C VAL A 107 14.37 -16.11 14.93
N ASP A 108 13.56 -16.51 15.93
CA ASP A 108 12.78 -17.74 15.86
C ASP A 108 11.31 -17.37 15.75
N PHE A 109 10.73 -17.64 14.59
CA PHE A 109 9.30 -17.36 14.40
C PHE A 109 8.34 -18.28 15.15
N GLY A 110 8.90 -19.33 15.76
CA GLY A 110 8.06 -20.29 16.51
C GLY A 110 7.77 -19.83 17.92
N THR A 111 8.37 -18.75 18.38
N THR A 111 8.43 -18.77 18.38
CA THR A 111 8.25 -18.35 19.80
CA THR A 111 8.28 -18.33 19.79
C THR A 111 7.02 -17.51 20.16
C THR A 111 6.92 -17.70 20.06
N PHE A 112 6.55 -16.72 19.21
CA PHE A 112 5.40 -15.86 19.49
C PHE A 112 4.11 -16.64 19.69
N ASP A 113 3.33 -16.21 20.67
CA ASP A 113 2.12 -16.88 21.04
C ASP A 113 0.96 -16.20 20.30
N TRP A 114 0.70 -16.66 19.09
CA TRP A 114 -0.44 -16.13 18.31
C TRP A 114 -1.78 -16.49 18.97
N THR A 115 -2.75 -15.57 18.94
CA THR A 115 -4.10 -15.86 19.47
C THR A 115 -5.19 -15.78 18.38
N ASP A 116 -4.75 -15.75 17.12
CA ASP A 116 -5.67 -15.49 16.01
C ASP A 116 -6.12 -16.71 15.24
N ALA A 117 -6.23 -17.85 15.94
CA ALA A 117 -6.63 -19.06 15.24
C ALA A 117 -8.04 -18.97 14.61
N ASP A 118 -8.90 -18.11 15.15
CA ASP A 118 -10.27 -17.97 14.62
C ASP A 118 -10.39 -16.89 13.54
N TRP A 119 -9.24 -16.31 13.17
CA TRP A 119 -9.21 -15.37 12.05
C TRP A 119 -8.83 -16.10 10.77
N HIS A 120 -9.56 -15.85 9.69
CA HIS A 120 -9.35 -16.62 8.45
C HIS A 120 -9.16 -15.71 7.23
N GLY A 121 -8.57 -14.56 7.47
CA GLY A 121 -8.33 -13.65 6.36
C GLY A 121 -9.55 -12.81 5.97
N ILE A 122 -9.39 -12.08 4.86
CA ILE A 122 -10.46 -11.18 4.43
C ILE A 122 -10.50 -11.20 2.92
N LYS A 123 -11.70 -11.22 2.34
CA LYS A 123 -11.82 -11.14 0.90
C LYS A 123 -11.66 -9.72 0.39
N LEU A 124 -11.15 -9.57 -0.83
CA LEU A 124 -10.96 -8.24 -1.38
C LEU A 124 -12.25 -7.44 -1.40
N ALA A 125 -13.36 -8.08 -1.79
CA ALA A 125 -14.66 -7.42 -1.86
C ALA A 125 -15.14 -6.90 -0.50
N ASP A 126 -14.55 -7.41 0.59
CA ASP A 126 -14.89 -6.93 1.94
C ASP A 126 -13.88 -5.94 2.50
N CYS A 127 -12.87 -5.57 1.72
CA CYS A 127 -11.84 -4.65 2.20
C CYS A 127 -12.27 -3.20 2.05
N VAL A 128 -12.06 -2.43 3.12
CA VAL A 128 -11.97 -0.98 3.06
C VAL A 128 -10.61 -0.72 3.71
N PHE A 129 -9.65 -0.34 2.87
CA PHE A 129 -8.28 -0.15 3.33
C PHE A 129 -8.06 1.17 4.03
N TYR A 130 -7.10 1.14 4.98
CA TYR A 130 -6.76 2.34 5.76
C TYR A 130 -5.24 2.31 5.79
N GLU A 131 -4.64 3.24 5.04
CA GLU A 131 -3.19 3.25 4.83
C GLU A 131 -2.51 3.95 5.97
N VAL A 132 -1.60 3.21 6.63
N VAL A 132 -1.64 3.22 6.68
CA VAL A 132 -0.90 3.68 7.83
CA VAL A 132 -0.91 3.81 7.78
C VAL A 132 0.58 3.77 7.53
C VAL A 132 0.58 3.79 7.54
N HIS A 133 1.22 4.89 7.94
CA HIS A 133 2.68 5.00 7.97
C HIS A 133 3.09 4.91 9.40
N VAL A 134 3.77 3.81 9.80
CA VAL A 134 3.94 3.58 11.26
C VAL A 134 4.62 4.75 11.97
N GLY A 135 5.59 5.35 11.31
CA GLY A 135 6.38 6.44 11.92
C GLY A 135 5.60 7.70 12.26
N THR A 136 4.57 7.98 11.48
CA THR A 136 3.83 9.23 11.69
C THR A 136 2.44 9.00 12.24
N PHE A 137 1.97 7.75 12.23
CA PHE A 137 0.58 7.45 12.63
C PHE A 137 0.30 7.83 14.11
N THR A 138 1.35 7.74 14.93
CA THR A 138 1.23 8.10 16.37
C THR A 138 2.46 8.91 16.75
N PRO A 139 2.39 9.61 17.89
CA PRO A 139 3.58 10.30 18.39
C PRO A 139 4.79 9.37 18.52
N GLU A 140 4.61 8.19 19.14
CA GLU A 140 5.71 7.26 19.32
C GLU A 140 6.22 6.77 17.98
N GLY A 141 5.32 6.58 16.99
CA GLY A 141 5.75 6.10 15.65
C GLY A 141 6.24 4.64 15.65
N THR A 142 5.57 3.83 16.48
CA THR A 142 5.89 2.43 16.67
C THR A 142 4.69 1.51 16.47
N TYR A 143 4.93 0.22 16.30
CA TYR A 143 3.79 -0.73 16.26
C TYR A 143 2.94 -0.74 17.51
N ARG A 144 3.61 -0.70 18.66
CA ARG A 144 2.86 -0.76 19.93
C ARG A 144 1.90 0.41 20.04
N ALA A 145 2.36 1.61 19.66
CA ALA A 145 1.42 2.76 19.75
C ALA A 145 0.33 2.65 18.70
N ALA A 146 0.67 2.10 17.53
CA ALA A 146 -0.35 1.91 16.49
C ALA A 146 -1.43 0.93 16.95
N ALA A 147 -1.00 -0.14 17.66
CA ALA A 147 -1.96 -1.19 18.06
C ALA A 147 -3.04 -0.58 18.98
N GLU A 148 -2.64 0.43 19.75
CA GLU A 148 -3.61 1.13 20.63
C GLU A 148 -4.72 1.87 19.89
N LYS A 149 -4.51 2.15 18.59
CA LYS A 149 -5.56 2.81 17.78
C LYS A 149 -6.45 1.82 17.03
N LEU A 150 -6.19 0.52 17.19
CA LEU A 150 -7.02 -0.47 16.49
C LEU A 150 -8.53 -0.41 16.85
N PRO A 151 -8.91 -0.29 18.13
CA PRO A 151 -10.35 -0.12 18.46
C PRO A 151 -10.98 1.11 17.77
N TYR A 152 -10.23 2.20 17.70
CA TYR A 152 -10.68 3.37 16.93
C TYR A 152 -10.97 3.00 15.45
N LEU A 153 -10.04 2.28 14.84
CA LEU A 153 -10.20 1.92 13.43
C LEU A 153 -11.36 0.98 13.22
N LYS A 154 -11.51 0.02 14.14
CA LYS A 154 -12.62 -0.94 14.06
C LYS A 154 -13.97 -0.18 14.15
N GLU A 155 -14.07 0.73 15.11
CA GLU A 155 -15.34 1.42 15.30
C GLU A 155 -15.56 2.40 14.14
N LEU A 156 -14.48 2.97 13.58
CA LEU A 156 -14.60 3.84 12.41
C LEU A 156 -15.34 3.11 11.26
N GLY A 157 -14.97 1.85 11.05
CA GLY A 157 -15.67 1.03 10.06
C GLY A 157 -14.75 0.58 8.92
N VAL A 158 -13.44 0.88 9.01
CA VAL A 158 -12.52 0.27 8.01
C VAL A 158 -12.29 -1.19 8.36
N THR A 159 -11.79 -1.98 7.39
CA THR A 159 -11.72 -3.42 7.65
C THR A 159 -10.34 -4.00 7.39
N ALA A 160 -9.42 -3.20 6.79
CA ALA A 160 -8.10 -3.74 6.50
C ALA A 160 -7.11 -2.59 6.61
N ILE A 161 -6.08 -2.77 7.43
N ILE A 161 -6.01 -2.86 7.31
CA ILE A 161 -5.04 -1.76 7.49
CA ILE A 161 -4.96 -1.90 7.58
C ILE A 161 -4.02 -2.08 6.39
C ILE A 161 -3.84 -2.07 6.52
N GLN A 162 -3.57 -1.04 5.69
CA GLN A 162 -2.56 -1.16 4.64
C GLN A 162 -1.33 -0.45 5.18
N VAL A 163 -0.33 -1.25 5.59
CA VAL A 163 0.85 -0.69 6.22
C VAL A 163 1.95 -0.37 5.20
N MSE A 164 2.49 0.86 5.27
CA MSE A 164 3.58 1.23 4.38
C MSE A 164 4.87 0.47 4.70
O MSE A 164 4.96 -0.15 5.76
CB MSE A 164 3.78 2.75 4.44
CG MSE A 164 2.61 3.47 3.81
SE MSE A 164 2.69 5.39 3.86
CE MSE A 164 4.32 5.66 2.79
N PRO A 165 5.84 0.41 3.76
CA PRO A 165 6.86 -0.64 3.85
C PRO A 165 7.63 -0.67 5.17
N LEU A 166 7.95 -1.88 5.60
CA LEU A 166 8.60 -2.09 6.90
C LEU A 166 10.02 -2.65 6.74
N ALA A 167 10.46 -2.98 5.53
CA ALA A 167 11.85 -3.50 5.40
C ALA A 167 12.84 -2.45 5.86
N ALA A 168 13.87 -2.90 6.59
CA ALA A 168 14.84 -1.96 7.16
C ALA A 168 15.49 -1.11 6.08
N PHE A 169 15.55 0.22 6.36
CA PHE A 169 16.27 1.21 5.56
C PHE A 169 17.17 2.01 6.49
N ASP A 170 18.04 2.81 5.89
CA ASP A 170 18.96 3.62 6.68
C ASP A 170 18.32 4.87 7.25
N GLY A 171 18.83 5.32 8.39
CA GLY A 171 18.31 6.49 9.06
C GLY A 171 17.16 6.19 10.02
N GLN A 172 16.68 7.26 10.64
CA GLN A 172 15.74 7.12 11.75
C GLN A 172 14.28 7.39 11.40
N ARG A 173 14.03 7.81 10.15
CA ARG A 173 12.66 7.91 9.64
C ARG A 173 12.72 7.80 8.12
N GLY A 174 11.58 7.46 7.53
CA GLY A 174 11.49 7.40 6.08
C GLY A 174 10.11 6.81 5.74
N TRP A 175 9.70 7.00 4.48
CA TRP A 175 8.42 6.41 4.03
C TRP A 175 8.46 4.87 4.02
N GLY A 176 9.65 4.34 3.67
CA GLY A 176 9.80 2.89 3.56
C GLY A 176 10.29 2.45 2.20
N TYR A 177 10.23 3.33 1.20
CA TYR A 177 10.61 2.90 -0.17
C TYR A 177 12.12 2.81 -0.40
N ASP A 178 12.89 3.17 0.62
CA ASP A 178 14.34 2.94 0.56
C ASP A 178 14.77 1.66 1.32
N GLY A 179 13.80 0.82 1.66
CA GLY A 179 14.11 -0.49 2.26
C GLY A 179 15.20 -1.20 1.53
N ALA A 180 16.07 -1.82 2.30
CA ALA A 180 17.21 -2.51 1.72
C ALA A 180 17.36 -3.93 2.23
N ALA A 181 16.89 -4.22 3.44
CA ALA A 181 17.00 -5.60 3.96
C ALA A 181 15.56 -6.08 4.08
N PHE A 182 15.09 -6.75 3.02
CA PHE A 182 13.64 -6.89 2.91
C PHE A 182 13.02 -7.77 3.98
N TYR A 183 13.84 -8.62 4.62
CA TYR A 183 13.26 -9.55 5.60
C TYR A 183 13.30 -9.03 7.05
N ALA A 184 13.82 -7.80 7.22
CA ALA A 184 14.15 -7.28 8.57
C ALA A 184 13.21 -6.11 8.87
N PRO A 185 12.24 -6.27 9.76
CA PRO A 185 11.35 -5.13 10.08
C PRO A 185 12.19 -4.01 10.72
N TYR A 186 11.96 -2.78 10.21
CA TYR A 186 12.72 -1.58 10.58
C TYR A 186 12.75 -1.32 12.07
N ALA A 187 13.95 -1.38 12.67
CA ALA A 187 14.06 -1.44 14.13
C ALA A 187 13.41 -0.29 14.89
N PRO A 188 13.50 0.94 14.39
CA PRO A 188 12.86 2.05 15.14
C PRO A 188 11.34 1.86 15.38
N TYR A 189 10.67 1.08 14.52
CA TYR A 189 9.24 0.84 14.72
C TYR A 189 8.94 -0.16 15.85
N GLY A 190 9.93 -0.99 16.20
CA GLY A 190 9.70 -2.08 17.15
C GLY A 190 10.49 -3.33 16.78
N ARG A 191 10.49 -4.30 17.69
CA ARG A 191 11.12 -5.59 17.44
C ARG A 191 10.16 -6.50 16.69
N PRO A 192 10.65 -7.63 16.20
CA PRO A 192 9.73 -8.57 15.49
C PRO A 192 8.47 -8.91 16.28
N GLU A 193 8.62 -9.17 17.56
CA GLU A 193 7.45 -9.56 18.36
C GLU A 193 6.46 -8.39 18.55
N ASP A 194 6.94 -7.14 18.43
CA ASP A 194 6.03 -6.00 18.52
C ASP A 194 5.15 -5.93 17.26
N LEU A 195 5.76 -6.28 16.11
CA LEU A 195 4.99 -6.34 14.86
C LEU A 195 3.97 -7.45 14.92
N MSE A 196 4.40 -8.63 15.40
N MSE A 196 4.41 -8.62 15.39
CA MSE A 196 3.46 -9.74 15.54
CA MSE A 196 3.50 -9.76 15.55
C MSE A 196 2.31 -9.35 16.46
C MSE A 196 2.34 -9.41 16.49
O MSE A 196 1.14 -9.64 16.20
O MSE A 196 1.16 -9.80 16.26
CB MSE A 196 4.22 -10.94 16.07
CB MSE A 196 4.27 -10.99 16.01
CG MSE A 196 5.21 -11.39 15.08
CG MSE A 196 5.12 -11.58 14.90
SE MSE A 196 6.23 -12.87 15.73
SE MSE A 196 6.02 -13.26 15.33
CE MSE A 196 7.20 -12.53 16.77
CE MSE A 196 7.26 -13.23 14.03
N ALA A 197 2.64 -8.66 17.56
CA ALA A 197 1.59 -8.21 18.50
C ALA A 197 0.56 -7.30 17.85
N LEU A 198 1.03 -6.44 16.93
CA LEU A 198 0.12 -5.56 16.23
C LEU A 198 -0.81 -6.37 15.34
N VAL A 199 -0.22 -7.29 14.57
CA VAL A 199 -1.07 -8.11 13.69
C VAL A 199 -2.05 -8.96 14.48
N ASP A 200 -1.56 -9.60 15.55
CA ASP A 200 -2.46 -10.42 16.39
C ASP A 200 -3.62 -9.61 16.95
N ALA A 201 -3.31 -8.40 17.43
CA ALA A 201 -4.35 -7.52 18.00
C ALA A 201 -5.37 -7.13 16.92
N ALA A 202 -4.88 -6.82 15.71
CA ALA A 202 -5.78 -6.47 14.63
C ALA A 202 -6.72 -7.65 14.36
N HIS A 203 -6.13 -8.84 14.22
CA HIS A 203 -6.96 -10.02 13.94
C HIS A 203 -8.00 -10.27 15.03
N ARG A 204 -7.59 -10.06 16.29
CA ARG A 204 -8.57 -10.23 17.39
C ARG A 204 -9.76 -9.29 17.28
N LEU A 205 -9.54 -8.10 16.72
CA LEU A 205 -10.65 -7.18 16.46
C LEU A 205 -11.33 -7.42 15.13
N GLY A 206 -10.88 -8.41 14.35
CA GLY A 206 -11.53 -8.75 13.10
C GLY A 206 -11.10 -7.80 11.97
N LEU A 207 -9.89 -7.23 12.09
CA LEU A 207 -9.29 -6.38 11.03
C LEU A 207 -8.20 -7.11 10.28
N GLY A 208 -8.17 -6.98 8.97
CA GLY A 208 -7.08 -7.54 8.19
C GLY A 208 -5.89 -6.58 8.18
N VAL A 209 -4.72 -7.11 7.87
CA VAL A 209 -3.50 -6.29 7.85
C VAL A 209 -2.69 -6.66 6.59
N PHE A 210 -2.39 -5.63 5.79
CA PHE A 210 -1.70 -5.79 4.49
C PHE A 210 -0.41 -5.03 4.57
N LEU A 211 0.59 -5.53 3.84
CA LEU A 211 1.93 -4.92 3.84
C LEU A 211 2.35 -4.50 2.45
N ASP A 212 2.82 -3.26 2.36
CA ASP A 212 3.42 -2.69 1.17
C ASP A 212 4.86 -3.25 1.07
N VAL A 213 5.15 -3.93 -0.06
CA VAL A 213 6.47 -4.49 -0.32
C VAL A 213 7.01 -3.95 -1.64
N VAL A 214 8.32 -3.83 -1.72
CA VAL A 214 8.96 -3.09 -2.81
C VAL A 214 9.90 -4.02 -3.57
N TYR A 215 9.39 -4.68 -4.61
CA TYR A 215 10.18 -5.73 -5.30
C TYR A 215 10.68 -5.24 -6.67
N ASN A 216 10.66 -3.92 -6.85
CA ASN A 216 11.27 -3.35 -8.06
C ASN A 216 12.61 -2.69 -7.83
N HIS A 217 12.98 -2.41 -6.56
CA HIS A 217 14.28 -1.81 -6.29
C HIS A 217 14.66 -1.98 -4.83
N PHE A 218 15.96 -1.84 -4.57
CA PHE A 218 16.45 -1.72 -3.22
C PHE A 218 16.88 -0.27 -2.98
N GLY A 219 16.79 0.18 -1.73
CA GLY A 219 17.26 1.50 -1.39
C GLY A 219 18.77 1.63 -1.54
N PRO A 220 19.23 2.88 -1.50
CA PRO A 220 20.59 3.22 -1.82
C PRO A 220 21.62 2.85 -0.76
N SER A 221 21.17 2.61 0.46
CA SER A 221 22.08 2.31 1.54
C SER A 221 21.65 1.05 2.28
N GLY A 222 22.56 0.11 2.45
CA GLY A 222 22.26 -1.13 3.18
C GLY A 222 21.90 -2.37 2.37
N ASN A 223 21.99 -2.28 1.04
CA ASN A 223 21.76 -3.47 0.21
C ASN A 223 23.08 -4.07 -0.16
N TYR A 224 23.43 -5.18 0.47
CA TYR A 224 24.74 -5.80 0.26
C TYR A 224 24.67 -7.03 -0.66
N LEU A 225 23.56 -7.23 -1.36
CA LEU A 225 23.43 -8.44 -2.19
C LEU A 225 24.56 -8.57 -3.23
N SER A 226 24.97 -7.45 -3.82
N SER A 226 24.96 -7.46 -3.85
N SER A 226 24.96 -7.46 -3.84
CA SER A 226 26.01 -7.50 -4.83
CA SER A 226 26.02 -7.54 -4.86
CA SER A 226 26.03 -7.50 -4.84
C SER A 226 27.37 -7.90 -4.27
C SER A 226 27.35 -8.02 -4.25
C SER A 226 27.35 -7.98 -4.25
N SER A 227 27.55 -7.77 -2.95
CA SER A 227 28.78 -8.25 -2.29
C SER A 227 28.87 -9.77 -2.32
N TYR A 228 27.69 -10.40 -2.32
CA TYR A 228 27.64 -11.87 -2.38
C TYR A 228 27.65 -12.35 -3.81
N ALA A 229 26.80 -11.75 -4.66
CA ALA A 229 26.78 -12.11 -6.07
C ALA A 229 26.31 -10.97 -6.93
N PRO A 230 27.19 -10.44 -7.78
CA PRO A 230 26.74 -9.34 -8.64
C PRO A 230 25.55 -9.72 -9.50
N SER A 231 25.40 -11.01 -9.78
CA SER A 231 24.33 -11.52 -10.63
C SER A 231 22.91 -11.52 -10.01
N TYR A 232 22.75 -11.05 -8.76
CA TYR A 232 21.38 -10.73 -8.32
C TYR A 232 20.80 -9.60 -9.21
N PHE A 233 21.71 -8.78 -9.78
CA PHE A 233 21.31 -7.56 -10.50
C PHE A 233 21.75 -7.59 -11.92
N THR A 234 21.14 -6.74 -12.72
CA THR A 234 21.60 -6.64 -14.12
C THR A 234 21.90 -5.21 -14.56
N ASP A 235 22.81 -5.05 -15.52
CA ASP A 235 23.11 -3.73 -16.11
C ASP A 235 22.24 -3.46 -17.33
N ARG A 236 21.37 -4.43 -17.64
CA ARG A 236 20.46 -4.32 -18.77
C ARG A 236 19.51 -3.14 -18.61
N PHE A 237 19.09 -2.93 -17.36
CA PHE A 237 18.20 -1.84 -16.98
C PHE A 237 18.56 -1.43 -15.55
N SER A 238 18.16 -0.22 -15.17
CA SER A 238 18.43 0.30 -13.82
C SER A 238 17.15 0.55 -13.03
N SER A 239 17.30 0.65 -11.71
CA SER A 239 16.26 1.23 -10.89
C SER A 239 16.65 2.69 -10.55
N ALA A 240 15.84 3.33 -9.69
CA ALA A 240 16.07 4.70 -9.24
C ALA A 240 17.40 4.82 -8.50
N TRP A 241 17.80 3.71 -7.87
CA TRP A 241 18.88 3.70 -6.91
C TRP A 241 20.12 2.94 -7.38
N GLY A 242 19.92 2.01 -8.29
CA GLY A 242 21.01 1.12 -8.65
C GLY A 242 20.74 0.28 -9.87
N MSE A 243 21.43 -0.87 -9.91
CA MSE A 243 21.29 -1.83 -10.99
C MSE A 243 19.92 -2.48 -10.85
O MSE A 243 19.39 -2.57 -9.74
CB MSE A 243 22.43 -2.86 -10.91
CG MSE A 243 23.84 -2.21 -10.94
SE MSE A 243 25.29 -3.30 -11.14
CE MSE A 243 24.78 -4.47 -12.39
N GLY A 244 19.30 -2.84 -11.96
CA GLY A 244 17.98 -3.48 -11.88
C GLY A 244 18.02 -4.88 -11.25
N LEU A 245 16.89 -5.29 -10.70
CA LEU A 245 16.76 -6.59 -10.03
C LEU A 245 16.61 -7.62 -11.15
N ASP A 246 17.49 -8.63 -11.18
CA ASP A 246 17.48 -9.54 -12.32
C ASP A 246 16.61 -10.77 -12.11
N TYR A 247 15.36 -10.70 -12.56
CA TYR A 247 14.42 -11.81 -12.36
C TYR A 247 14.68 -13.03 -13.27
N ALA A 248 15.70 -12.93 -14.13
CA ALA A 248 16.18 -14.13 -14.83
C ALA A 248 17.03 -15.00 -13.88
N GLU A 249 17.48 -14.42 -12.76
CA GLU A 249 18.34 -15.15 -11.84
C GLU A 249 17.46 -15.78 -10.74
N PRO A 250 17.34 -17.11 -10.69
CA PRO A 250 16.48 -17.74 -9.66
C PRO A 250 16.77 -17.29 -8.22
N HIS A 251 18.01 -17.01 -7.86
CA HIS A 251 18.19 -16.59 -6.46
C HIS A 251 17.54 -15.25 -6.18
N MSE A 252 17.51 -14.40 -7.21
CA MSE A 252 16.82 -13.07 -7.12
C MSE A 252 15.28 -13.29 -7.00
O MSE A 252 14.57 -12.68 -6.15
CB MSE A 252 17.15 -12.18 -8.32
CG MSE A 252 16.58 -10.76 -8.27
SE MSE A 252 17.36 -9.59 -6.87
CE MSE A 252 15.77 -9.65 -5.61
N ARG A 253 14.77 -14.19 -7.87
CA ARG A 253 13.35 -14.52 -7.78
C ARG A 253 13.03 -14.99 -6.38
N ARG A 254 13.85 -15.92 -5.87
CA ARG A 254 13.53 -16.48 -4.57
C ARG A 254 13.73 -15.48 -3.44
N TYR A 255 14.59 -14.47 -3.65
CA TYR A 255 14.76 -13.48 -2.59
C TYR A 255 13.39 -12.84 -2.33
N VAL A 256 12.69 -12.48 -3.40
CA VAL A 256 11.40 -11.83 -3.18
C VAL A 256 10.26 -12.82 -2.88
N THR A 257 10.24 -14.01 -3.52
CA THR A 257 9.14 -14.93 -3.16
C THR A 257 9.30 -15.46 -1.73
N GLY A 258 10.53 -15.72 -1.31
CA GLY A 258 10.76 -16.11 0.07
C GLY A 258 10.34 -14.98 1.05
N ASN A 259 10.56 -13.73 0.63
CA ASN A 259 10.16 -12.59 1.47
C ASN A 259 8.63 -12.52 1.57
N ALA A 260 7.94 -12.64 0.42
CA ALA A 260 6.49 -12.60 0.48
C ALA A 260 5.94 -13.68 1.39
N ARG A 261 6.47 -14.90 1.28
CA ARG A 261 6.02 -16.00 2.15
C ARG A 261 6.30 -15.72 3.62
N MSE A 262 7.45 -15.07 3.92
N MSE A 262 7.42 -15.07 3.91
CA MSE A 262 7.78 -14.71 5.34
CA MSE A 262 7.73 -14.82 5.31
C MSE A 262 6.65 -13.81 5.90
C MSE A 262 6.78 -13.76 5.94
O MSE A 262 6.02 -14.09 6.94
O MSE A 262 6.36 -13.89 7.10
CB MSE A 262 9.14 -13.99 5.50
CB MSE A 262 9.23 -14.57 5.50
CG MSE A 262 9.34 -13.55 6.92
CG MSE A 262 9.58 -14.28 6.88
SE MSE A 262 10.79 -12.32 7.21
SE MSE A 262 9.31 -12.44 6.92
CE MSE A 262 9.85 -10.79 6.42
CE MSE A 262 11.09 -11.95 7.04
N TRP A 263 6.40 -12.72 5.20
CA TRP A 263 5.45 -11.77 5.75
C TRP A 263 4.08 -12.43 5.99
N LEU A 264 3.61 -13.22 5.00
CA LEU A 264 2.28 -13.85 5.12
C LEU A 264 2.29 -14.94 6.17
N ARG A 265 3.26 -15.85 6.10
CA ARG A 265 3.20 -17.03 6.99
C ARG A 265 3.67 -16.66 8.40
N ASP A 266 4.82 -15.99 8.48
CA ASP A 266 5.51 -15.83 9.76
C ASP A 266 5.04 -14.63 10.56
N TYR A 267 4.54 -13.59 9.86
CA TYR A 267 3.97 -12.44 10.54
C TYR A 267 2.44 -12.36 10.39
N HIS A 268 1.84 -13.34 9.69
CA HIS A 268 0.35 -13.43 9.63
C HIS A 268 -0.30 -12.26 8.90
N PHE A 269 0.47 -11.56 8.05
CA PHE A 269 -0.22 -10.59 7.19
C PHE A 269 -1.24 -11.31 6.29
N ASP A 270 -2.29 -10.57 5.91
CA ASP A 270 -3.39 -11.11 5.11
C ASP A 270 -3.20 -10.86 3.62
N GLY A 271 -2.24 -10.01 3.28
CA GLY A 271 -2.00 -9.68 1.88
C GLY A 271 -0.85 -8.73 1.73
N LEU A 272 -0.41 -8.59 0.49
CA LEU A 272 0.71 -7.70 0.14
C LEU A 272 0.25 -6.76 -0.95
N ARG A 273 0.75 -5.52 -0.89
CA ARG A 273 0.54 -4.54 -1.93
C ARG A 273 1.90 -4.38 -2.58
N LEU A 274 2.01 -4.81 -3.84
CA LEU A 274 3.29 -4.79 -4.56
C LEU A 274 3.52 -3.40 -5.15
N ASP A 275 4.50 -2.67 -4.63
CA ASP A 275 4.82 -1.35 -5.20
C ASP A 275 5.32 -1.45 -6.65
N ALA A 276 4.89 -0.48 -7.47
CA ALA A 276 5.46 -0.25 -8.82
C ALA A 276 5.72 -1.53 -9.62
N THR A 277 4.66 -2.32 -9.76
CA THR A 277 4.78 -3.54 -10.58
C THR A 277 5.22 -3.34 -12.05
N PRO A 278 4.96 -2.19 -12.68
CA PRO A 278 5.46 -2.05 -14.07
C PRO A 278 6.97 -2.12 -14.18
N TYR A 279 7.65 -1.95 -13.05
CA TYR A 279 9.12 -1.84 -13.03
C TYR A 279 9.74 -3.14 -12.51
N MSE A 280 8.92 -4.16 -12.32
CA MSE A 280 9.44 -5.52 -12.09
C MSE A 280 9.61 -6.15 -13.46
O MSE A 280 8.73 -6.84 -13.95
CB MSE A 280 8.47 -6.33 -11.20
CG MSE A 280 8.41 -5.69 -9.78
SE MSE A 280 7.12 -6.51 -8.66
CE MSE A 280 7.98 -8.30 -8.55
N THR A 281 10.76 -5.90 -14.06
CA THR A 281 11.01 -6.35 -15.43
C THR A 281 11.42 -7.82 -15.46
N ASP A 282 10.74 -8.61 -16.27
CA ASP A 282 11.10 -10.02 -16.35
C ASP A 282 10.60 -10.55 -17.65
N ASP A 283 11.53 -11.15 -18.41
CA ASP A 283 11.16 -11.79 -19.67
C ASP A 283 11.11 -13.31 -19.60
N SER A 284 11.21 -13.84 -18.37
CA SER A 284 11.08 -15.29 -18.16
C SER A 284 9.76 -15.84 -18.66
N GLU A 285 9.77 -17.14 -18.96
N GLU A 285 9.70 -17.13 -19.02
CA GLU A 285 8.59 -17.87 -19.40
CA GLU A 285 8.42 -17.69 -19.46
C GLU A 285 7.41 -17.69 -18.42
C GLU A 285 7.37 -17.48 -18.38
N THR A 286 7.71 -17.82 -17.13
CA THR A 286 6.77 -17.57 -16.06
C THR A 286 7.21 -16.26 -15.44
N HIS A 287 6.36 -15.24 -15.51
CA HIS A 287 6.75 -13.93 -14.96
C HIS A 287 6.86 -14.00 -13.43
N ILE A 288 7.77 -13.20 -12.88
CA ILE A 288 7.91 -13.19 -11.42
C ILE A 288 6.58 -12.87 -10.73
N LEU A 289 5.71 -12.06 -11.33
CA LEU A 289 4.43 -11.80 -10.67
C LEU A 289 3.59 -13.08 -10.56
N THR A 290 3.60 -13.90 -11.61
CA THR A 290 2.88 -15.17 -11.60
C THR A 290 3.45 -16.12 -10.55
N GLU A 291 4.78 -16.15 -10.49
CA GLU A 291 5.44 -17.05 -9.54
C GLU A 291 5.18 -16.59 -8.11
N LEU A 292 5.13 -15.26 -7.88
CA LEU A 292 4.79 -14.74 -6.54
C LEU A 292 3.40 -15.25 -6.15
N ALA A 293 2.44 -15.16 -7.09
CA ALA A 293 1.12 -15.63 -6.78
C ALA A 293 1.14 -17.14 -6.49
N GLN A 294 1.92 -17.89 -7.27
CA GLN A 294 1.99 -19.36 -7.01
C GLN A 294 2.56 -19.65 -5.61
N GLU A 295 3.64 -18.93 -5.31
CA GLU A 295 4.37 -19.15 -4.06
C GLU A 295 3.50 -18.77 -2.85
N ILE A 296 2.77 -17.66 -2.91
N ILE A 296 2.67 -17.74 -3.03
CA ILE A 296 1.97 -17.32 -1.71
CA ILE A 296 1.69 -17.36 -2.02
C ILE A 296 0.75 -18.23 -1.59
C ILE A 296 0.52 -18.35 -1.96
N HIS A 297 0.19 -18.61 -2.72
N HIS A 297 -0.04 -18.75 -3.09
CA HIS A 297 -0.94 -19.53 -2.70
CA HIS A 297 -1.09 -19.74 -3.01
C HIS A 297 -0.57 -20.89 -2.11
C HIS A 297 -0.64 -21.04 -2.33
N GLU A 298 0.65 -21.35 -2.43
CA GLU A 298 1.16 -22.63 -1.90
C GLU A 298 1.08 -22.70 -0.38
N LEU A 299 1.07 -21.53 0.27
CA LEU A 299 0.93 -21.50 1.73
C LEU A 299 -0.39 -22.05 2.25
N GLY A 300 -1.37 -22.22 1.35
CA GLY A 300 -2.65 -22.83 1.77
C GLY A 300 -3.48 -21.96 2.68
N GLY A 301 -3.42 -20.63 2.46
CA GLY A 301 -4.28 -19.69 3.17
C GLY A 301 -5.17 -18.95 2.21
N THR A 302 -5.57 -17.74 2.67
CA THR A 302 -6.47 -16.89 1.90
C THR A 302 -5.83 -15.55 1.60
N HIS A 303 -4.51 -15.53 1.59
CA HIS A 303 -3.79 -14.26 1.40
C HIS A 303 -4.02 -13.66 0.03
N LEU A 304 -4.03 -12.32 -0.03
CA LEU A 304 -4.24 -11.56 -1.27
C LEU A 304 -2.96 -10.88 -1.77
N LEU A 305 -2.91 -10.60 -3.09
CA LEU A 305 -1.83 -9.79 -3.66
C LEU A 305 -2.47 -8.70 -4.48
N LEU A 306 -2.04 -7.48 -4.22
N LEU A 306 -2.07 -7.45 -4.22
CA LEU A 306 -2.47 -6.33 -5.01
CA LEU A 306 -2.55 -6.26 -4.94
C LEU A 306 -1.28 -5.78 -5.73
C LEU A 306 -1.38 -5.55 -5.63
N ALA A 307 -1.53 -5.24 -6.93
CA ALA A 307 -0.49 -4.54 -7.70
C ALA A 307 -0.69 -3.02 -7.72
N GLU A 308 0.37 -2.26 -7.39
CA GLU A 308 0.36 -0.84 -7.71
C GLU A 308 0.87 -0.69 -9.15
N ASP A 309 -0.08 -0.55 -10.08
CA ASP A 309 0.29 -0.60 -11.50
C ASP A 309 -0.48 0.45 -12.30
N HIS A 310 0.26 1.26 -13.05
CA HIS A 310 -0.36 2.34 -13.81
C HIS A 310 -0.72 2.01 -15.26
N ARG A 311 -0.46 0.78 -15.66
CA ARG A 311 -0.62 0.46 -17.08
C ARG A 311 -2.05 0.16 -17.52
N ASN A 312 -2.97 0.08 -16.55
CA ASN A 312 -4.35 -0.30 -16.89
C ASN A 312 -4.35 -1.61 -17.70
N LEU A 313 -3.73 -2.60 -17.06
CA LEU A 313 -3.47 -3.92 -17.68
C LEU A 313 -4.21 -5.01 -16.91
N PRO A 314 -5.31 -5.53 -17.42
CA PRO A 314 -6.07 -6.56 -16.68
C PRO A 314 -5.34 -7.87 -16.49
N ASP A 315 -4.31 -8.10 -17.32
CA ASP A 315 -3.54 -9.37 -17.23
C ASP A 315 -2.94 -9.55 -15.84
N LEU A 316 -2.73 -8.45 -15.09
CA LEU A 316 -2.19 -8.59 -13.69
C LEU A 316 -3.08 -9.48 -12.88
N VAL A 317 -4.40 -9.38 -13.14
CA VAL A 317 -5.37 -10.24 -12.46
C VAL A 317 -5.59 -11.56 -13.22
N THR A 318 -5.82 -11.46 -14.52
CA THR A 318 -6.34 -12.62 -15.25
C THR A 318 -5.26 -13.58 -15.76
N VAL A 319 -4.00 -13.11 -15.75
CA VAL A 319 -2.87 -13.95 -16.23
C VAL A 319 -1.86 -14.15 -15.09
N ASN A 320 -1.48 -13.08 -14.39
CA ASN A 320 -0.55 -13.25 -13.23
C ASN A 320 -1.26 -13.74 -11.97
N HIS A 321 -2.60 -13.66 -11.98
CA HIS A 321 -3.42 -14.19 -10.88
C HIS A 321 -3.25 -13.41 -9.58
N LEU A 322 -2.94 -12.13 -9.72
CA LEU A 322 -3.10 -11.18 -8.61
C LEU A 322 -4.60 -10.88 -8.34
N ASP A 323 -4.90 -10.30 -7.19
CA ASP A 323 -6.29 -10.14 -6.81
C ASP A 323 -6.88 -8.82 -7.22
N GLY A 324 -6.04 -7.79 -7.38
CA GLY A 324 -6.59 -6.48 -7.72
C GLY A 324 -5.46 -5.51 -7.94
N ILE A 325 -5.85 -4.30 -8.37
CA ILE A 325 -4.88 -3.31 -8.86
C ILE A 325 -5.22 -1.93 -8.30
N TRP A 326 -4.23 -1.24 -7.74
CA TRP A 326 -4.43 0.15 -7.40
C TRP A 326 -4.48 0.93 -8.71
N THR A 327 -5.65 1.54 -8.98
N THR A 327 -5.63 1.50 -9.02
CA THR A 327 -5.93 2.18 -10.28
CA THR A 327 -5.72 2.21 -10.27
C THR A 327 -6.17 3.70 -10.11
C THR A 327 -6.03 3.65 -9.95
N ASP A 328 -5.18 4.52 -10.47
CA ASP A 328 -5.20 5.95 -10.12
C ASP A 328 -6.15 6.77 -11.02
N ASP A 329 -6.66 6.25 -12.15
CA ASP A 329 -7.48 7.16 -12.99
C ASP A 329 -8.64 7.78 -12.21
N PHE A 330 -9.27 6.99 -11.34
CA PHE A 330 -10.37 7.53 -10.53
C PHE A 330 -9.87 8.67 -9.62
N HIS A 331 -8.77 8.41 -8.90
CA HIS A 331 -8.17 9.44 -8.04
C HIS A 331 -7.92 10.72 -8.87
N HIS A 332 -7.27 10.54 -10.00
CA HIS A 332 -6.85 11.73 -10.76
C HIS A 332 -8.04 12.50 -11.31
N GLU A 333 -9.02 11.75 -11.82
CA GLU A 333 -10.20 12.44 -12.37
C GLU A 333 -10.91 13.23 -11.25
N THR A 334 -10.96 12.63 -10.05
CA THR A 334 -11.58 13.31 -8.90
C THR A 334 -10.79 14.55 -8.52
N ARG A 335 -9.48 14.44 -8.41
CA ARG A 335 -8.69 15.61 -8.00
C ARG A 335 -8.85 16.74 -9.01
N VAL A 336 -8.74 16.42 -10.32
CA VAL A 336 -8.86 17.49 -11.34
C VAL A 336 -10.25 18.12 -11.29
N THR A 337 -11.27 17.30 -11.06
CA THR A 337 -12.61 17.85 -10.92
C THR A 337 -12.62 18.96 -9.86
N LEU A 338 -11.95 18.68 -8.74
CA LEU A 338 -12.05 19.61 -7.59
C LEU A 338 -11.04 20.76 -7.64
N THR A 339 -9.92 20.60 -8.33
CA THR A 339 -8.94 21.72 -8.31
C THR A 339 -8.68 22.37 -9.67
N GLY A 340 -8.95 21.62 -10.73
CA GLY A 340 -8.69 22.08 -12.11
C GLY A 340 -7.23 21.99 -12.47
N GLU A 341 -6.39 21.46 -11.57
CA GLU A 341 -4.95 21.42 -11.86
C GLU A 341 -4.63 20.56 -13.07
N GLN A 342 -3.50 20.89 -13.70
CA GLN A 342 -3.10 20.28 -14.95
C GLN A 342 -1.62 19.97 -15.07
N GLU A 343 -0.86 20.07 -13.99
CA GLU A 343 0.57 19.77 -14.07
C GLU A 343 0.83 18.27 -14.12
N GLY A 344 1.92 17.87 -14.79
CA GLY A 344 2.31 16.48 -14.81
C GLY A 344 1.20 15.60 -15.32
N TYR A 345 0.97 14.48 -14.63
CA TYR A 345 -0.02 13.49 -15.11
C TYR A 345 -1.45 14.00 -14.99
N TYR A 346 -1.66 15.07 -14.21
CA TYR A 346 -3.02 15.63 -14.15
C TYR A 346 -3.51 16.16 -15.51
N ALA A 347 -2.56 16.48 -16.40
CA ALA A 347 -2.91 16.88 -17.76
C ALA A 347 -3.64 15.77 -18.55
N GLY A 348 -3.64 14.54 -18.01
CA GLY A 348 -4.32 13.43 -18.66
C GLY A 348 -5.84 13.44 -18.49
N TYR A 349 -6.35 14.44 -17.76
CA TYR A 349 -7.77 14.36 -17.31
C TYR A 349 -8.45 15.71 -17.43
N ARG A 350 -9.72 15.68 -17.84
CA ARG A 350 -10.56 16.88 -17.86
C ARG A 350 -11.20 17.14 -16.49
N GLY A 351 -11.61 16.06 -15.80
CA GLY A 351 -12.42 16.19 -14.60
C GLY A 351 -13.85 16.59 -14.97
N GLY A 352 -14.69 16.58 -13.94
CA GLY A 352 -16.09 16.96 -14.12
C GLY A 352 -17.06 15.79 -14.00
N ALA A 353 -18.35 16.09 -13.87
CA ALA A 353 -19.34 15.05 -13.70
C ALA A 353 -19.35 14.04 -14.85
N GLU A 354 -19.38 14.53 -16.09
N GLU A 354 -19.38 14.51 -16.10
N GLU A 354 -19.40 14.49 -16.10
CA GLU A 354 -19.35 13.73 -17.31
CA GLU A 354 -19.44 13.58 -17.23
CA GLU A 354 -19.41 13.58 -17.24
C GLU A 354 -18.16 12.77 -17.29
C GLU A 354 -18.15 12.73 -17.31
C GLU A 354 -18.15 12.69 -17.18
N ALA A 355 -17.00 13.34 -16.97
CA ALA A 355 -15.73 12.59 -16.98
C ALA A 355 -15.69 11.53 -15.88
N LEU A 356 -16.13 11.92 -14.68
CA LEU A 356 -16.16 10.95 -13.59
C LEU A 356 -17.11 9.79 -13.92
N ALA A 357 -18.32 10.13 -14.43
CA ALA A 357 -19.25 9.06 -14.79
C ALA A 357 -18.59 8.04 -15.75
N TYR A 358 -17.85 8.54 -16.71
CA TYR A 358 -17.18 7.67 -17.68
C TYR A 358 -16.10 6.82 -17.02
N THR A 359 -15.23 7.45 -16.25
CA THR A 359 -14.16 6.71 -15.64
C THR A 359 -14.69 5.62 -14.70
N ILE A 360 -15.72 5.96 -13.94
CA ILE A 360 -16.38 4.91 -13.11
C ILE A 360 -16.98 3.77 -13.95
N ARG A 361 -17.73 4.15 -15.00
N ARG A 361 -17.75 4.11 -14.99
CA ARG A 361 -18.33 3.17 -15.93
CA ARG A 361 -18.37 3.07 -15.79
C ARG A 361 -17.28 2.20 -16.45
C ARG A 361 -17.33 2.20 -16.55
N ARG A 362 -16.11 2.72 -16.78
CA ARG A 362 -15.08 1.91 -17.43
C ARG A 362 -14.07 1.33 -16.42
N GLY A 363 -14.21 1.70 -15.13
CA GLY A 363 -13.25 1.24 -14.14
C GLY A 363 -11.99 2.06 -14.16
N TRP A 364 -11.33 2.08 -15.30
CA TRP A 364 -10.29 3.08 -15.53
C TRP A 364 -10.58 3.79 -16.86
N ARG A 365 -10.00 4.97 -17.05
CA ARG A 365 -10.28 5.78 -18.25
C ARG A 365 -9.50 5.29 -19.48
N TYR A 366 -8.20 5.06 -19.30
CA TYR A 366 -7.34 4.80 -20.46
C TYR A 366 -7.32 3.30 -20.73
N GLU A 367 -7.95 2.95 -21.86
CA GLU A 367 -8.16 1.54 -22.29
C GLU A 367 -7.47 1.32 -23.65
N GLY A 368 -6.48 2.17 -23.96
CA GLY A 368 -5.72 2.04 -25.19
C GLY A 368 -5.62 3.33 -25.94
N GLN A 369 -6.41 4.32 -25.55
N GLN A 369 -6.42 4.33 -25.60
CA GLN A 369 -6.35 5.67 -26.16
CA GLN A 369 -6.31 5.62 -26.31
C GLN A 369 -5.00 6.35 -25.93
C GLN A 369 -5.05 6.40 -25.91
N PHE A 370 -4.69 7.38 -26.73
CA PHE A 370 -3.44 8.11 -26.57
C PHE A 370 -3.41 8.92 -25.29
N TRP A 371 -2.31 8.74 -24.57
CA TRP A 371 -1.98 9.49 -23.39
C TRP A 371 -1.07 10.60 -23.87
N ALA A 372 -1.57 11.83 -23.79
CA ALA A 372 -0.95 12.96 -24.47
C ALA A 372 -0.03 13.77 -23.55
N VAL A 373 0.16 13.28 -22.33
CA VAL A 373 1.00 13.98 -21.35
C VAL A 373 2.44 14.12 -21.86
N LYS A 374 2.91 15.38 -21.93
CA LYS A 374 4.23 15.68 -22.54
C LYS A 374 5.36 14.93 -21.83
N GLY A 375 6.20 14.26 -22.61
CA GLY A 375 7.27 13.41 -22.06
C GLY A 375 6.89 11.95 -21.84
N GLU A 376 5.60 11.65 -21.95
CA GLU A 376 5.07 10.31 -21.66
C GLU A 376 4.17 9.77 -22.77
N GLU A 377 4.21 10.38 -23.95
CA GLU A 377 3.21 10.07 -24.98
C GLU A 377 3.25 8.62 -25.45
N HIS A 378 2.10 7.94 -25.39
CA HIS A 378 1.95 6.58 -25.87
C HIS A 378 0.49 6.18 -25.83
N GLU A 379 0.14 5.07 -26.44
CA GLU A 379 -1.22 4.52 -26.32
C GLU A 379 -1.29 3.76 -24.99
N ARG A 380 -2.06 4.33 -24.04
CA ARG A 380 -2.05 3.82 -22.66
C ARG A 380 -3.27 2.96 -22.37
N GLY A 381 -3.01 1.76 -21.88
CA GLY A 381 -4.07 0.96 -21.27
C GLY A 381 -4.67 -0.07 -22.19
N HIS A 382 -5.63 -0.79 -21.61
CA HIS A 382 -6.26 -1.96 -22.23
C HIS A 382 -7.71 -2.00 -21.80
N PRO A 383 -8.56 -2.69 -22.54
CA PRO A 383 -9.95 -2.83 -22.17
C PRO A 383 -10.12 -3.41 -20.76
N SER A 384 -10.99 -2.76 -19.97
CA SER A 384 -11.19 -3.19 -18.59
C SER A 384 -12.27 -4.25 -18.40
N ASP A 385 -12.86 -4.73 -19.50
CA ASP A 385 -14.07 -5.55 -19.40
C ASP A 385 -13.92 -6.76 -18.47
N ALA A 386 -12.77 -7.43 -18.50
CA ALA A 386 -12.60 -8.65 -17.72
C ALA A 386 -12.65 -8.42 -16.19
N LEU A 387 -12.34 -7.20 -15.75
CA LEU A 387 -12.21 -6.95 -14.31
C LEU A 387 -13.56 -6.63 -13.70
N GLU A 388 -13.77 -7.13 -12.48
CA GLU A 388 -14.98 -6.91 -11.75
C GLU A 388 -14.73 -5.84 -10.69
N ALA A 389 -15.80 -5.30 -10.09
CA ALA A 389 -15.65 -4.12 -9.23
C ALA A 389 -14.53 -4.25 -8.16
N PRO A 390 -14.45 -5.35 -7.42
CA PRO A 390 -13.41 -5.44 -6.33
C PRO A 390 -12.00 -5.37 -6.88
N ASN A 391 -11.78 -5.75 -8.15
CA ASN A 391 -10.43 -5.77 -8.71
C ASN A 391 -9.80 -4.38 -8.82
N PHE A 392 -10.65 -3.34 -8.79
CA PHE A 392 -10.13 -1.96 -8.90
C PHE A 392 -10.06 -1.43 -7.46
N VAL A 393 -8.87 -0.96 -7.05
CA VAL A 393 -8.73 -0.26 -5.75
C VAL A 393 -8.73 1.23 -6.06
N TYR A 394 -9.69 1.94 -5.47
CA TYR A 394 -9.90 3.35 -5.70
C TYR A 394 -9.55 4.12 -4.44
N CYS A 395 -9.17 5.38 -4.63
CA CYS A 395 -9.01 6.27 -3.47
C CYS A 395 -9.07 7.71 -3.93
N ILE A 396 -9.25 8.61 -2.96
CA ILE A 396 -9.07 10.04 -3.26
C ILE A 396 -7.84 10.61 -2.56
N GLN A 397 -7.18 9.78 -1.73
CA GLN A 397 -5.90 10.14 -1.07
C GLN A 397 -5.09 8.87 -0.82
N ASN A 398 -3.79 8.96 -1.00
CA ASN A 398 -2.86 7.91 -0.55
C ASN A 398 -1.49 8.56 -0.35
N HIS A 399 -0.47 7.78 0.02
CA HIS A 399 0.81 8.39 0.39
C HIS A 399 1.40 9.18 -0.73
N ASP A 400 1.26 8.67 -1.95
CA ASP A 400 1.85 9.33 -3.10
C ASP A 400 1.09 10.57 -3.51
N GLN A 401 -0.24 10.47 -3.49
CA GLN A 401 -1.02 11.59 -4.03
C GLN A 401 -1.11 12.75 -3.06
N ILE A 402 -0.63 12.54 -1.82
CA ILE A 402 -0.40 13.64 -0.88
C ILE A 402 1.08 14.01 -0.93
N GLY A 403 1.94 13.02 -0.70
CA GLY A 403 3.37 13.30 -0.47
C GLY A 403 4.18 13.73 -1.67
N ASN A 404 3.67 13.46 -2.88
N ASN A 404 3.64 13.48 -2.87
CA ASN A 404 4.46 13.83 -4.03
CA ASN A 404 4.37 13.86 -4.09
C ASN A 404 4.12 15.25 -4.51
C ASN A 404 4.25 15.33 -4.41
N ARG A 405 3.34 15.98 -3.69
CA ARG A 405 3.09 17.38 -3.90
C ARG A 405 4.17 18.15 -3.15
N PRO A 406 4.60 19.29 -3.68
CA PRO A 406 5.71 20.06 -3.05
C PRO A 406 5.52 20.23 -1.55
N LEU A 407 4.31 20.59 -1.13
CA LEU A 407 4.07 20.90 0.30
C LEU A 407 3.34 19.78 0.99
N GLY A 408 3.14 18.67 0.28
CA GLY A 408 2.49 17.50 0.91
C GLY A 408 1.10 17.74 1.45
N GLU A 409 0.34 18.61 0.80
CA GLU A 409 -0.97 18.95 1.33
C GLU A 409 -2.04 17.97 0.90
N ARG A 410 -3.02 17.81 1.79
CA ARG A 410 -4.15 16.92 1.60
C ARG A 410 -5.21 17.56 0.71
N LEU A 411 -6.14 16.73 0.23
CA LEU A 411 -7.07 17.20 -0.82
C LEU A 411 -7.86 18.42 -0.35
N HIS A 412 -8.35 18.41 0.90
CA HIS A 412 -9.13 19.55 1.40
C HIS A 412 -8.25 20.78 1.65
N GLN A 413 -6.93 20.61 1.58
N GLN A 413 -6.94 20.57 1.59
CA GLN A 413 -6.02 21.73 1.78
CA GLN A 413 -5.96 21.64 1.79
C GLN A 413 -5.47 22.35 0.50
C GLN A 413 -5.61 22.40 0.50
N SER A 414 -5.81 21.75 -0.66
CA SER A 414 -5.40 22.33 -1.93
C SER A 414 -6.27 23.54 -2.23
N ASP A 415 -5.69 24.51 -2.94
CA ASP A 415 -6.43 25.74 -3.20
C ASP A 415 -7.72 25.47 -3.94
N GLY A 416 -8.83 26.05 -3.53
N GLY A 416 -8.75 26.03 -3.30
CA GLY A 416 -10.02 25.87 -4.36
CA GLY A 416 -10.11 26.14 -3.80
C GLY A 416 -10.92 24.71 -3.93
C GLY A 416 -11.03 25.05 -3.29
N VAL A 417 -10.48 23.88 -2.97
CA VAL A 417 -11.29 22.74 -2.55
C VAL A 417 -12.05 23.07 -1.26
N THR A 418 -13.37 22.87 -1.23
CA THR A 418 -14.13 23.12 0.01
C THR A 418 -14.27 21.83 0.80
N LEU A 419 -14.54 21.96 2.10
CA LEU A 419 -14.84 20.79 2.88
C LEU A 419 -16.13 20.09 2.43
N HIS A 420 -17.05 20.85 1.85
CA HIS A 420 -18.25 20.24 1.31
C HIS A 420 -17.89 19.32 0.16
N GLU A 421 -17.02 19.80 -0.73
CA GLU A 421 -16.58 18.94 -1.86
C GLU A 421 -15.80 17.74 -1.32
N TYR A 422 -14.96 17.98 -0.32
CA TYR A 422 -14.21 16.87 0.28
C TYR A 422 -15.16 15.79 0.81
N ARG A 423 -16.23 16.22 1.49
CA ARG A 423 -17.21 15.30 2.06
C ARG A 423 -18.02 14.61 0.95
N GLY A 424 -18.34 15.35 -0.14
CA GLY A 424 -19.04 14.68 -1.25
C GLY A 424 -18.16 13.58 -1.86
N ALA A 425 -16.88 13.87 -2.01
CA ALA A 425 -15.92 12.89 -2.57
C ALA A 425 -15.87 11.61 -1.74
N ALA A 426 -15.93 11.76 -0.42
CA ALA A 426 -15.99 10.60 0.46
C ALA A 426 -17.24 9.76 0.19
N ALA A 427 -18.40 10.42 -0.01
CA ALA A 427 -19.63 9.67 -0.26
C ALA A 427 -19.53 8.91 -1.55
N LEU A 428 -18.94 9.54 -2.59
CA LEU A 428 -18.76 8.83 -3.89
C LEU A 428 -17.84 7.59 -3.65
N LEU A 429 -16.67 7.82 -3.08
CA LEU A 429 -15.73 6.69 -2.91
C LEU A 429 -16.34 5.56 -2.11
N LEU A 430 -16.99 5.92 -1.01
CA LEU A 430 -17.39 4.85 -0.06
C LEU A 430 -18.72 4.19 -0.36
N THR A 431 -19.45 4.69 -1.38
CA THR A 431 -20.63 3.94 -1.85
C THR A 431 -20.39 3.13 -3.13
N LEU A 432 -19.24 3.31 -3.78
CA LEU A 432 -18.95 2.55 -5.00
C LEU A 432 -18.60 1.10 -4.66
N PRO A 433 -18.86 0.17 -5.59
CA PRO A 433 -18.57 -1.23 -5.33
C PRO A 433 -17.09 -1.56 -5.53
N MSE A 434 -16.30 -0.63 -6.08
CA MSE A 434 -14.87 -0.83 -6.14
C MSE A 434 -14.29 -0.84 -4.73
O MSE A 434 -14.96 -0.43 -3.74
CB MSE A 434 -14.26 0.30 -6.96
CG MSE A 434 -14.45 0.15 -8.45
SE MSE A 434 -16.32 0.42 -9.04
CE MSE A 434 -15.94 0.79 -11.02
N THR A 435 -13.05 -1.34 -4.60
CA THR A 435 -12.49 -1.53 -3.28
C THR A 435 -11.84 -0.21 -2.84
N PRO A 436 -12.35 0.44 -1.79
CA PRO A 436 -11.80 1.76 -1.43
C PRO A 436 -10.64 1.69 -0.47
N LEU A 437 -9.82 2.74 -0.52
CA LEU A 437 -8.72 2.95 0.41
C LEU A 437 -8.79 4.39 0.89
N LEU A 438 -8.58 4.54 2.21
CA LEU A 438 -8.44 5.84 2.87
C LEU A 438 -6.98 5.99 3.36
N PHE A 439 -6.46 7.21 3.40
CA PHE A 439 -5.14 7.47 3.99
C PHE A 439 -5.32 7.94 5.42
N GLN A 440 -4.42 7.51 6.31
CA GLN A 440 -4.57 7.88 7.73
C GLN A 440 -4.91 9.39 7.93
N GLY A 441 -5.93 9.62 8.76
CA GLY A 441 -6.30 10.99 9.06
C GLY A 441 -7.28 11.63 8.08
N GLN A 442 -7.44 10.99 6.91
N GLN A 442 -7.46 11.03 6.90
CA GLN A 442 -8.36 11.50 5.87
CA GLN A 442 -8.35 11.67 5.92
C GLN A 442 -9.75 11.68 6.48
C GLN A 442 -9.80 11.68 6.44
N GLU A 443 -10.14 10.71 7.30
CA GLU A 443 -11.49 10.62 7.83
C GLU A 443 -11.89 11.78 8.75
N TRP A 444 -10.92 12.53 9.27
CA TRP A 444 -11.27 13.71 10.07
C TRP A 444 -10.73 15.00 9.43
N ALA A 445 -10.44 14.95 8.13
CA ALA A 445 -9.91 16.10 7.42
C ALA A 445 -8.71 16.63 8.19
N ALA A 446 -7.74 15.74 8.43
CA ALA A 446 -6.59 16.10 9.21
C ALA A 446 -5.92 17.39 8.76
N SER A 447 -5.38 18.11 9.73
CA SER A 447 -4.78 19.40 9.45
C SER A 447 -3.32 19.32 9.00
N THR A 448 -2.69 18.14 9.17
CA THR A 448 -1.26 18.03 8.96
C THR A 448 -1.04 17.48 7.55
N PRO A 449 0.04 17.90 6.94
CA PRO A 449 0.42 17.41 5.62
C PRO A 449 1.00 16.00 5.74
N PHE A 450 1.27 15.38 4.61
CA PHE A 450 2.12 14.18 4.62
C PHE A 450 3.23 14.43 3.63
N GLN A 451 4.37 14.87 4.16
CA GLN A 451 5.46 15.31 3.32
C GLN A 451 6.47 14.19 3.09
N PHE A 452 7.24 14.35 2.03
CA PHE A 452 8.31 13.41 1.81
C PHE A 452 9.44 13.69 2.80
N PHE A 453 9.79 12.68 3.60
CA PHE A 453 10.89 12.79 4.54
C PHE A 453 11.83 11.61 4.43
N SER A 454 13.10 11.86 4.74
CA SER A 454 14.14 10.83 4.71
C SER A 454 15.22 11.19 5.75
N ASP A 455 16.16 10.27 5.97
CA ASP A 455 17.21 10.50 6.93
C ASP A 455 18.52 9.79 6.50
N HIS A 456 18.89 10.01 5.25
CA HIS A 456 20.13 9.39 4.79
C HIS A 456 21.37 10.09 5.28
N ALA A 457 22.47 9.32 5.27
CA ALA A 457 23.73 9.78 5.78
C ALA A 457 24.55 10.51 4.73
N GLY A 458 25.43 11.38 5.21
CA GLY A 458 26.50 11.95 4.38
C GLY A 458 26.07 12.55 3.06
N GLU A 459 26.86 12.24 2.03
CA GLU A 459 26.63 12.85 0.73
C GLU A 459 25.26 12.47 0.16
N LEU A 460 24.84 11.23 0.41
CA LEU A 460 23.56 10.73 -0.08
C LEU A 460 22.42 11.58 0.48
N GLY A 461 22.47 11.88 1.79
CA GLY A 461 21.48 12.77 2.42
C GLY A 461 21.49 14.16 1.78
N GLN A 462 22.69 14.70 1.57
CA GLN A 462 22.81 16.01 0.93
C GLN A 462 22.21 15.99 -0.47
N ALA A 463 22.42 14.88 -1.20
CA ALA A 463 21.88 14.71 -2.55
C ALA A 463 20.36 14.65 -2.58
N VAL A 464 19.77 14.00 -1.57
CA VAL A 464 18.32 13.93 -1.49
C VAL A 464 17.71 15.34 -1.31
N SER A 465 18.30 16.12 -0.40
CA SER A 465 17.82 17.48 -0.15
C SER A 465 17.91 18.31 -1.43
N GLU A 466 19.09 18.25 -2.06
CA GLU A 466 19.32 18.96 -3.32
C GLU A 466 18.35 18.52 -4.42
N GLY A 467 18.12 17.21 -4.54
CA GLY A 467 17.23 16.65 -5.55
C GLY A 467 15.81 17.16 -5.40
N ARG A 468 15.35 17.28 -4.15
CA ARG A 468 13.97 17.71 -3.87
C ARG A 468 13.77 19.19 -4.21
N LYS A 469 14.78 19.99 -3.87
CA LYS A 469 14.78 21.44 -4.14
C LYS A 469 14.66 21.68 -5.66
N LYS A 470 15.53 21.01 -6.42
CA LYS A 470 15.60 21.15 -7.88
C LYS A 470 14.32 20.70 -8.56
N GLU A 471 13.76 19.60 -8.05
CA GLU A 471 12.56 18.99 -8.62
C GLU A 471 11.38 19.96 -8.72
N PHE A 472 11.20 20.82 -7.72
CA PHE A 472 10.07 21.75 -7.67
C PHE A 472 10.56 23.18 -7.80
N ASP A 482 8.16 27.70 0.52
CA ASP A 482 9.37 26.94 0.20
C ASP A 482 9.18 25.42 0.42
N VAL A 483 9.89 24.61 -0.37
CA VAL A 483 9.71 23.16 -0.31
C VAL A 483 10.42 22.61 0.95
N PRO A 484 9.70 21.86 1.79
CA PRO A 484 10.29 21.34 3.03
C PRO A 484 11.44 20.39 2.70
N ASP A 485 12.55 20.57 3.37
CA ASP A 485 13.72 19.71 3.17
C ASP A 485 13.40 18.30 3.68
N PRO A 486 13.44 17.29 2.80
CA PRO A 486 13.07 15.95 3.24
C PRO A 486 13.94 15.45 4.36
N GLN A 487 15.19 15.95 4.43
CA GLN A 487 16.12 15.47 5.44
C GLN A 487 15.97 16.14 6.81
N ALA A 488 15.16 17.20 6.86
CA ALA A 488 14.96 17.92 8.12
C ALA A 488 14.03 17.18 9.08
N GLU A 489 14.39 17.10 10.36
CA GLU A 489 13.52 16.49 11.37
C GLU A 489 12.13 17.10 11.35
N GLN A 490 12.08 18.43 11.14
CA GLN A 490 10.81 19.12 11.14
C GLN A 490 9.83 18.57 10.09
N THR A 491 10.35 18.14 8.95
CA THR A 491 9.47 17.62 7.87
C THR A 491 8.76 16.32 8.31
N PHE A 492 9.50 15.48 9.02
CA PHE A 492 8.93 14.26 9.61
C PHE A 492 7.90 14.65 10.67
N LEU A 493 8.30 15.50 11.61
CA LEU A 493 7.35 15.87 12.67
C LEU A 493 6.10 16.58 12.16
N ASN A 494 6.24 17.39 11.12
N ASN A 494 6.27 17.42 11.13
CA ASN A 494 5.08 18.08 10.59
CA ASN A 494 5.15 18.07 10.42
C ASN A 494 4.06 17.14 9.96
C ASN A 494 4.06 17.07 10.12
N SER A 495 4.50 15.91 9.63
CA SER A 495 3.63 14.89 9.07
C SER A 495 2.94 14.00 10.10
N LYS A 496 3.29 14.17 11.39
CA LYS A 496 2.67 13.40 12.46
C LYS A 496 1.18 13.70 12.56
N LEU A 497 0.35 12.68 12.69
CA LEU A 497 -1.08 12.89 12.96
C LEU A 497 -1.28 13.57 14.32
N ASN A 498 -2.22 14.51 14.35
CA ASN A 498 -2.65 15.17 15.61
C ASN A 498 -3.98 14.55 15.97
N TRP A 499 -4.01 13.53 16.83
N TRP A 499 -3.95 13.60 16.90
CA TRP A 499 -5.28 12.81 17.11
CA TRP A 499 -5.12 12.78 17.26
C TRP A 499 -6.32 13.67 17.81
C TRP A 499 -6.26 13.52 17.95
N ALA A 500 -5.87 14.49 18.75
CA ALA A 500 -6.84 15.30 19.53
C ALA A 500 -7.72 16.18 18.65
N GLU A 501 -7.23 16.61 17.49
CA GLU A 501 -8.01 17.57 16.72
C GLU A 501 -9.31 16.96 16.20
N ARG A 502 -9.35 15.63 16.09
CA ARG A 502 -10.54 14.95 15.52
C ARG A 502 -11.79 15.08 16.40
N GLU A 503 -11.57 15.52 17.64
CA GLU A 503 -12.67 15.65 18.62
C GLU A 503 -13.51 16.91 18.45
N GLY A 504 -13.07 17.83 17.60
CA GLY A 504 -13.73 19.11 17.49
C GLY A 504 -13.99 19.63 16.11
N GLY A 505 -14.91 20.57 16.06
CA GLY A 505 -15.12 21.38 14.88
C GLY A 505 -15.45 20.59 13.64
N GLU A 506 -14.88 21.05 12.52
CA GLU A 506 -15.10 20.39 11.24
C GLU A 506 -14.38 19.05 11.11
N HIS A 507 -13.34 18.85 11.92
CA HIS A 507 -12.70 17.54 11.94
C HIS A 507 -13.72 16.53 12.47
N ALA A 508 -14.38 16.88 13.59
CA ALA A 508 -15.39 15.95 14.14
C ALA A 508 -16.58 15.74 13.20
N ARG A 509 -17.00 16.80 12.53
N ARG A 509 -17.01 16.80 12.51
CA ARG A 509 -18.13 16.69 11.60
CA ARG A 509 -18.14 16.68 11.59
C ARG A 509 -17.77 15.74 10.44
C ARG A 509 -17.77 15.74 10.43
N THR A 510 -16.53 15.86 9.97
CA THR A 510 -16.06 14.99 8.87
C THR A 510 -15.98 13.54 9.32
N LEU A 511 -15.49 13.36 10.56
CA LEU A 511 -15.36 12.03 11.12
C LEU A 511 -16.75 11.36 11.29
N ARG A 512 -17.74 12.13 11.74
N ARG A 512 -17.73 12.14 11.75
CA ARG A 512 -19.12 11.58 11.84
CA ARG A 512 -19.09 11.60 11.86
C ARG A 512 -19.61 11.10 10.48
C ARG A 512 -19.59 11.11 10.49
N LEU A 513 -19.32 11.89 9.43
CA LEU A 513 -19.73 11.50 8.07
C LEU A 513 -19.03 10.24 7.62
N TYR A 514 -17.72 10.15 7.88
CA TYR A 514 -16.98 8.90 7.54
C TYR A 514 -17.57 7.70 8.27
N ARG A 515 -17.87 7.85 9.56
CA ARG A 515 -18.52 6.77 10.33
C ARG A 515 -19.87 6.39 9.73
N ASP A 516 -20.66 7.39 9.34
CA ASP A 516 -21.97 7.09 8.74
C ASP A 516 -21.83 6.38 7.40
N LEU A 517 -20.89 6.83 6.56
CA LEU A 517 -20.72 6.21 5.26
C LEU A 517 -20.22 4.77 5.41
N LEU A 518 -19.28 4.53 6.34
CA LEU A 518 -18.73 3.18 6.49
C LEU A 518 -19.79 2.24 7.08
N ARG A 519 -20.65 2.77 7.95
CA ARG A 519 -21.76 1.96 8.47
C ARG A 519 -22.75 1.64 7.34
N LEU A 520 -23.14 2.62 6.53
N LEU A 520 -23.09 2.65 6.53
CA LEU A 520 -24.02 2.30 5.39
CA LEU A 520 -23.95 2.48 5.36
C LEU A 520 -23.37 1.25 4.49
C LEU A 520 -23.42 1.44 4.37
N ARG A 521 -22.10 1.45 4.13
CA ARG A 521 -21.44 0.50 3.23
C ARG A 521 -21.61 -0.92 3.77
N ARG A 522 -21.42 -1.07 5.07
CA ARG A 522 -21.50 -2.38 5.72
C ARG A 522 -22.95 -2.90 5.79
N GLU A 523 -23.89 -2.01 6.06
CA GLU A 523 -25.22 -2.45 6.43
C GLU A 523 -26.24 -2.45 5.27
N ASP A 524 -26.03 -1.59 4.29
CA ASP A 524 -27.05 -1.35 3.27
C ASP A 524 -27.07 -2.54 2.29
N PRO A 525 -28.19 -3.24 2.15
CA PRO A 525 -28.21 -4.45 1.34
C PRO A 525 -27.98 -4.23 -0.15
N VAL A 526 -28.25 -3.02 -0.64
CA VAL A 526 -28.02 -2.74 -2.04
C VAL A 526 -26.55 -2.34 -2.27
N LEU A 527 -25.99 -1.56 -1.35
CA LEU A 527 -24.56 -1.21 -1.49
C LEU A 527 -23.63 -2.41 -1.39
N HIS A 528 -24.15 -3.54 -0.88
CA HIS A 528 -23.40 -4.79 -0.88
C HIS A 528 -23.04 -5.23 -2.30
N ASN A 529 -23.71 -4.65 -3.31
CA ASN A 529 -23.39 -5.02 -4.71
C ASN A 529 -21.88 -4.97 -4.96
N ARG A 530 -21.38 -5.95 -5.69
CA ARG A 530 -19.97 -5.98 -6.09
C ARG A 530 -19.84 -6.34 -7.57
N GLN A 531 -20.90 -6.06 -8.34
CA GLN A 531 -20.95 -6.36 -9.76
C GLN A 531 -21.11 -5.09 -10.59
N ARG A 532 -20.21 -4.91 -11.55
CA ARG A 532 -20.27 -3.75 -12.44
C ARG A 532 -21.55 -3.82 -13.30
N GLU A 533 -22.04 -5.05 -13.52
CA GLU A 533 -23.33 -5.22 -14.24
C GLU A 533 -24.47 -4.41 -13.60
N ASN A 534 -24.41 -4.22 -12.27
CA ASN A 534 -25.49 -3.57 -11.55
C ASN A 534 -25.26 -2.09 -11.31
N LEU A 535 -24.17 -1.57 -11.87
CA LEU A 535 -23.75 -0.20 -11.59
C LEU A 535 -23.87 0.60 -12.89
N THR A 536 -24.58 1.73 -12.84
CA THR A 536 -24.58 2.63 -13.98
C THR A 536 -24.28 4.05 -13.52
N THR A 537 -23.82 4.88 -14.47
CA THR A 537 -23.50 6.25 -14.08
C THR A 537 -23.94 7.21 -15.18
N GLY A 538 -24.07 8.49 -14.82
CA GLY A 538 -24.31 9.51 -15.85
C GLY A 538 -24.17 10.89 -15.21
N HIS A 539 -24.65 11.89 -15.95
CA HIS A 539 -24.58 13.22 -15.45
C HIS A 539 -25.72 14.04 -16.00
N ASP A 540 -26.03 15.11 -15.30
CA ASP A 540 -26.87 16.16 -15.85
C ASP A 540 -26.14 17.46 -15.50
N GLY A 541 -25.53 18.12 -16.47
CA GLY A 541 -24.72 19.30 -16.19
C GLY A 541 -23.59 18.89 -15.26
N ASP A 542 -23.48 19.58 -14.12
CA ASP A 542 -22.42 19.29 -13.16
C ASP A 542 -22.85 18.34 -12.06
N VAL A 543 -24.01 17.70 -12.20
CA VAL A 543 -24.44 16.71 -11.24
C VAL A 543 -24.07 15.33 -11.76
N LEU A 544 -23.25 14.61 -10.97
CA LEU A 544 -22.97 13.20 -11.26
C LEU A 544 -24.01 12.33 -10.59
N TRP A 545 -24.45 11.26 -11.28
CA TRP A 545 -25.29 10.26 -10.61
C TRP A 545 -24.64 8.87 -10.79
N VAL A 546 -24.77 8.09 -9.76
CA VAL A 546 -24.26 6.69 -9.78
C VAL A 546 -25.39 5.80 -9.21
N ARG A 547 -25.86 4.87 -10.04
CA ARG A 547 -27.04 4.08 -9.70
C ARG A 547 -26.64 2.62 -9.51
N THR A 548 -27.16 2.03 -8.44
CA THR A 548 -26.99 0.58 -8.20
C THR A 548 -28.39 -0.04 -8.14
N VAL A 549 -28.61 -1.09 -8.93
CA VAL A 549 -29.90 -1.80 -8.87
C VAL A 549 -29.59 -3.28 -8.67
N THR A 550 -30.10 -3.87 -7.60
CA THR A 550 -29.99 -5.35 -7.43
C THR A 550 -31.36 -5.89 -7.03
N GLY A 551 -31.42 -7.20 -6.76
CA GLY A 551 -32.66 -7.76 -6.22
C GLY A 551 -33.07 -7.17 -4.89
N ALA A 552 -32.17 -6.50 -4.17
CA ALA A 552 -32.51 -5.90 -2.88
C ALA A 552 -33.10 -4.48 -2.96
N GLY A 553 -33.05 -3.88 -4.15
CA GLY A 553 -33.51 -2.51 -4.29
C GLY A 553 -32.62 -1.66 -5.21
N GLU A 554 -32.77 -0.35 -5.04
N GLU A 554 -32.76 -0.35 -5.07
CA GLU A 554 -32.08 0.63 -5.87
CA GLU A 554 -32.00 0.57 -5.90
C GLU A 554 -31.48 1.70 -4.96
C GLU A 554 -31.55 1.79 -5.11
N ARG A 555 -30.29 2.16 -5.32
CA ARG A 555 -29.69 3.32 -4.67
C ARG A 555 -29.14 4.23 -5.74
N VAL A 556 -29.22 5.54 -5.48
CA VAL A 556 -28.60 6.51 -6.39
C VAL A 556 -27.82 7.49 -5.53
N LEU A 557 -26.56 7.65 -5.87
CA LEU A 557 -25.70 8.71 -5.32
C LEU A 557 -25.73 9.89 -6.29
N LEU A 558 -26.09 11.09 -5.81
N LEU A 558 -26.07 11.08 -5.78
CA LEU A 558 -25.99 12.25 -6.66
CA LEU A 558 -26.09 12.32 -6.58
C LEU A 558 -24.99 13.18 -5.99
C LEU A 558 -25.10 13.36 -6.01
N TRP A 559 -24.06 13.71 -6.78
CA TRP A 559 -23.02 14.64 -6.29
C TRP A 559 -23.05 15.90 -7.15
N ASN A 560 -23.36 17.02 -6.52
CA ASN A 560 -23.39 18.29 -7.22
C ASN A 560 -21.98 18.88 -7.26
N LEU A 561 -21.32 18.75 -8.41
N LEU A 561 -21.29 18.74 -8.39
CA LEU A 561 -19.97 19.28 -8.64
CA LEU A 561 -19.95 19.30 -8.58
C LEU A 561 -19.97 20.69 -9.22
C LEU A 561 -19.96 20.80 -8.86
N GLY A 562 -21.16 21.30 -9.18
CA GLY A 562 -21.33 22.69 -9.63
C GLY A 562 -21.13 23.68 -8.48
N GLN A 563 -21.29 24.96 -8.84
CA GLN A 563 -20.98 26.06 -7.92
C GLN A 563 -22.27 26.60 -7.36
N ASP A 564 -23.37 26.09 -7.91
CA ASP A 564 -24.72 26.54 -7.54
C ASP A 564 -25.50 25.48 -6.72
N THR A 565 -26.76 25.76 -6.35
CA THR A 565 -27.59 24.81 -5.66
C THR A 565 -28.47 24.06 -6.64
N ARG A 566 -28.59 22.74 -6.48
CA ARG A 566 -29.44 21.94 -7.37
C ARG A 566 -30.41 21.11 -6.56
N ALA A 567 -31.70 21.22 -6.88
CA ALA A 567 -32.69 20.34 -6.27
C ALA A 567 -32.68 18.97 -6.93
N VAL A 568 -32.78 17.92 -6.12
CA VAL A 568 -32.78 16.59 -6.69
C VAL A 568 -33.94 16.43 -7.71
N ALA A 569 -35.08 17.06 -7.44
CA ALA A 569 -36.24 16.89 -8.31
C ALA A 569 -36.02 17.48 -9.69
N GLU A 570 -35.07 18.40 -9.79
CA GLU A 570 -34.82 19.03 -11.09
C GLU A 570 -33.68 18.39 -11.87
N VAL A 571 -33.04 17.35 -11.31
CA VAL A 571 -31.98 16.63 -12.02
C VAL A 571 -32.64 15.74 -13.05
N LYS A 572 -32.22 15.88 -14.30
CA LYS A 572 -32.76 15.05 -15.38
C LYS A 572 -32.07 13.70 -15.36
N LEU A 573 -32.87 12.64 -15.19
CA LEU A 573 -32.35 11.28 -15.08
C LEU A 573 -33.09 10.37 -16.05
N PRO A 574 -32.43 9.36 -16.61
CA PRO A 574 -33.10 8.38 -17.51
C PRO A 574 -33.90 7.30 -16.80
N PHE A 575 -34.18 7.50 -15.52
CA PHE A 575 -34.94 6.58 -14.71
C PHE A 575 -35.64 7.44 -13.65
N THR A 576 -36.55 6.84 -12.91
CA THR A 576 -37.25 7.58 -11.86
C THR A 576 -36.38 7.60 -10.61
N VAL A 577 -36.06 8.80 -10.13
CA VAL A 577 -35.23 8.91 -8.92
C VAL A 577 -35.92 8.26 -7.71
N PRO A 578 -35.20 7.43 -6.94
CA PRO A 578 -35.73 6.96 -5.64
C PRO A 578 -36.07 8.13 -4.72
N ARG A 579 -37.02 7.89 -3.82
CA ARG A 579 -37.60 8.99 -3.01
C ARG A 579 -37.02 9.16 -1.61
N ARG A 580 -36.45 8.10 -1.03
CA ARG A 580 -36.08 8.10 0.39
C ARG A 580 -34.65 8.59 0.57
N LEU A 581 -34.47 9.65 1.37
N LEU A 581 -34.51 9.61 1.41
CA LEU A 581 -33.13 10.21 1.64
CA LEU A 581 -33.22 10.14 1.82
C LEU A 581 -32.42 9.37 2.71
C LEU A 581 -32.54 9.11 2.72
N LEU A 582 -31.35 8.68 2.31
CA LEU A 582 -30.61 7.77 3.18
C LEU A 582 -29.44 8.45 3.88
N LEU A 583 -28.78 9.34 3.16
N LEU A 583 -28.79 9.34 3.15
CA LEU A 583 -27.67 10.10 3.75
CA LEU A 583 -27.69 10.12 3.69
C LEU A 583 -27.34 11.32 2.91
C LEU A 583 -27.52 11.38 2.87
N HIS A 584 -27.25 12.46 3.58
CA HIS A 584 -26.92 13.71 2.91
C HIS A 584 -25.59 14.14 3.49
N THR A 585 -24.63 14.52 2.64
CA THR A 585 -23.29 14.84 3.20
C THR A 585 -23.17 16.07 4.11
N GLU A 586 -24.19 16.93 4.04
CA GLU A 586 -24.25 18.05 5.00
C GLU A 586 -25.46 17.90 5.91
N GLY A 587 -26.03 16.70 5.96
CA GLY A 587 -27.07 16.41 6.96
C GLY A 587 -28.37 17.16 6.73
N ARG A 588 -28.62 17.59 5.49
CA ARG A 588 -29.83 18.35 5.19
C ARG A 588 -31.04 17.44 5.21
N GLU A 589 -32.22 18.02 5.49
CA GLU A 589 -33.46 17.26 5.59
C GLU A 589 -34.10 17.11 4.23
N ASP A 590 -33.93 18.09 3.35
CA ASP A 590 -34.57 18.08 2.04
C ASP A 590 -33.60 17.60 0.93
N LEU A 591 -34.18 17.14 -0.17
CA LEU A 591 -33.40 16.64 -1.30
C LEU A 591 -32.91 17.80 -2.15
N THR A 592 -31.97 18.56 -1.60
N THR A 592 -31.91 18.50 -1.61
CA THR A 592 -31.38 19.64 -2.35
CA THR A 592 -31.37 19.73 -2.18
C THR A 592 -29.88 19.59 -2.07
C THR A 592 -29.84 19.76 -1.99
N LEU A 593 -29.11 19.94 -3.09
CA LEU A 593 -27.66 19.84 -3.04
C LEU A 593 -27.06 21.21 -3.21
N GLY A 594 -26.54 21.74 -2.10
CA GLY A 594 -25.68 22.90 -2.17
C GLY A 594 -24.44 22.55 -2.98
N ALA A 595 -23.68 23.57 -3.35
CA ALA A 595 -22.46 23.36 -4.15
C ALA A 595 -21.54 22.30 -3.51
N GLY A 596 -21.18 21.23 -4.24
CA GLY A 596 -20.18 20.28 -3.73
C GLY A 596 -20.79 19.15 -2.93
N GLU A 597 -22.09 19.24 -2.67
CA GLU A 597 -22.74 18.31 -1.76
C GLU A 597 -23.28 17.06 -2.48
N ALA A 598 -23.43 15.98 -1.70
CA ALA A 598 -23.98 14.73 -2.24
C ALA A 598 -25.07 14.13 -1.38
N VAL A 599 -25.88 13.28 -2.01
CA VAL A 599 -26.93 12.60 -1.28
C VAL A 599 -27.06 11.19 -1.83
N LEU A 600 -27.36 10.25 -0.94
CA LEU A 600 -27.69 8.89 -1.35
C LEU A 600 -29.18 8.72 -1.07
N VAL A 601 -29.89 8.30 -2.11
CA VAL A 601 -31.33 8.02 -2.02
C VAL A 601 -31.65 6.55 -2.38
N GLY A 602 -32.82 6.10 -1.93
CA GLY A 602 -33.18 4.69 -2.12
C GLY A 602 -34.69 4.51 -2.07
C1 GLC B . -12.93 23.34 -15.64
C2 GLC B . -12.31 23.14 -14.23
C3 GLC B . -12.09 21.61 -13.95
C4 GLC B . -13.34 20.78 -14.28
C5 GLC B . -13.74 21.04 -15.71
C6 GLC B . -15.01 20.23 -16.11
O2 GLC B . -11.08 23.86 -14.11
O3 GLC B . -11.71 21.46 -12.58
O4 GLC B . -13.00 19.39 -14.11
O5 GLC B . -14.05 22.46 -15.79
O6 GLC B . -15.23 20.46 -17.50
C1 GLC B . -12.39 23.70 -17.88
C2 GLC B . -11.45 23.19 -18.96
C3 GLC B . -10.04 23.80 -18.83
C4 GLC B . -10.15 25.31 -18.79
C5 GLC B . -11.10 25.68 -17.65
C6 GLC B . -11.20 27.22 -17.58
O1 GLC B . -11.90 23.16 -16.62
O2 GLC B . -11.41 21.75 -18.87
O3 GLC B . -9.17 23.40 -19.93
O4 GLC B . -8.82 25.87 -18.61
O5 GLC B . -12.43 25.13 -17.84
O6 GLC B . -12.15 27.55 -16.61
C TRS C . -14.17 24.25 -7.36
C1 TRS C . -13.09 25.29 -7.14
C2 TRS C . -13.69 22.94 -6.78
C3 TRS C . -14.40 24.02 -8.83
N TRS C . -15.44 24.63 -6.74
O1 TRS C . -11.88 24.87 -7.80
O2 TRS C . -13.02 23.28 -5.62
O3 TRS C . -14.76 22.64 -8.97
C1 GLC D . 2.72 7.34 -12.41
C1 GLC D . 3.41 8.33 -13.57
C2 GLC D . 3.77 7.06 -13.47
C2 GLC D . 2.36 8.19 -14.67
C3 GLC D . 3.47 8.18 -14.46
C3 GLC D . 0.98 7.96 -14.06
C4 GLC D . 1.99 8.15 -14.88
C4 GLC D . 0.97 7.26 -12.69
C5 GLC D . 1.02 7.94 -13.69
C5 GLC D . 2.28 7.27 -11.86
C6 GLC D . -0.44 7.66 -14.06
C6 GLC D . 2.35 6.09 -10.88
O1 GLC D . 3.03 7.05 -11.07
O1 GLC D . 4.73 8.69 -14.10
O2 GLC D . 5.04 7.19 -12.89
O2 GLC D . 2.33 9.39 -15.42
O3 GLC D . 4.40 8.21 -15.53
O3 GLC D . 0.17 7.27 -14.99
O4 GLC D . 1.73 9.41 -15.42
O4 GLC D . -0.07 7.86 -11.95
O5 GLC D . 1.47 6.87 -12.88
O5 GLC D . 3.43 7.22 -12.70
O6 GLC D . -1.12 7.32 -12.86
O6 GLC D . 3.34 6.21 -9.86
C1 GLC E . 23.48 -20.23 -9.45
C2 GLC E . 22.51 -19.23 -10.14
C3 GLC E . 22.93 -19.45 -11.59
C4 GLC E . 24.47 -19.28 -11.79
C5 GLC E . 25.15 -20.24 -10.77
C6 GLC E . 26.63 -20.58 -10.85
O1 GLC E . 23.06 -21.56 -9.39
O2 GLC E . 21.15 -19.59 -9.90
O3 GLC E . 22.15 -18.66 -12.49
O4 GLC E . 24.79 -19.55 -13.16
O5 GLC E . 24.81 -19.86 -9.41
O6 GLC E . 27.36 -19.41 -10.96
C1 BME F . -4.95 4.10 -6.32
C2 BME F . -5.82 3.57 -5.19
O1 BME F . -5.28 5.46 -6.60
S2 BME F . -5.28 4.27 -3.60
MG MG G . -29.12 20.01 -17.50
#